data_3UE0
#
_entry.id   3UE0
#
_cell.length_a   119.080
_cell.length_b   242.570
_cell.length_c   49.310
_cell.angle_alpha   90.00
_cell.angle_beta   90.00
_cell.angle_gamma   90.00
#
_symmetry.space_group_name_H-M   'P 21 21 2'
#
loop_
_entity.id
_entity.type
_entity.pdbx_description
1 polymer 'Penicillin-binding protein 1a'
2 non-polymer '2-({[(1Z)-1-(2-amino-1,3-thiazol-4-yl)-2-oxo-2-{[(2S,3S)-1-oxo-3-(sulfoamino)butan-2-yl]amino}ethylidene]amino}oxy)-2-methylpropanoic acid'
3 water water
#
_entity_poly.entity_id   1
_entity_poly.type   'polypeptide(L)'
_entity_poly.pdbx_seq_one_letter_code
;MHHHHHHENLYFQSHMLLKPLQVYTADNQLIAEYGGKLSIPVEYKQIPPNFIHAFLAAEDSSFFEHSGISFKGLGRALSE
SVTGSDVQTGGSTITMQVAKNYYLSPERTLKRKITEIFLARKIEQNLSKEDILSLYVNKIFLGKNAYGIAAAAKIYYNKS
INELSIAQMAMIAGLPKAPSKYNPVVNPERALERRNWILGRMLQLGYISQAEYQKAVAEPINLNMPNRDLNNIHPYAGEM
VRSELVKHFGEQAIDSGYKVYTTINAKRQAIAEKAVQDGLEAYDRRHGWRGAEAHDKPLSEFRAYANTYPAQVTKVNSSS
FEALMQDGSTVTVQWSGMSWARPYRNANSVGAAPSRASQIVKVKDIVRLRPNEAKTAWSLVQVPKVQGQLIAINPNDGSI
EAIVGGYNFYQSKFNRALQGWRQPGSTIKPFLYALALERGMTPYSMVNDSPITIGKWTPKNSDGRYLGMIPLRRALYLSR
NTVSVRLLQTVGIERTRQLFMDFGLQEDQIPRNYTIALGTPQVLPIQMATGYATFANGGYRVQPHFIQRIEDAYGKVIYE
AKPEYACIPCINAPETTDDAQVTTPDDQVVEVTNKELEQKEKTTKQLNLKQTDKNNSQYRQAQRILKSSSAYDMANILRD
VIEHGTGRAALKIGRSDLGGKTGTTNDAKDAWFAGFNGKLVTVTWVGFDQPTTLGRREYGGIAALPIWINFMGQALQGTP
AAWVRLEKDAQ
;
_entity_poly.pdbx_strand_id   A,B
#
# COMPACT_ATOMS: atom_id res chain seq x y z
N LYS A 19 3.28 13.04 17.52
CA LYS A 19 1.95 13.39 18.06
C LYS A 19 0.96 12.24 17.81
N PRO A 20 0.81 11.27 18.74
CA PRO A 20 -0.13 10.16 18.48
C PRO A 20 -1.59 10.53 18.71
N LEU A 21 -2.51 9.64 18.28
CA LEU A 21 -3.94 9.81 18.55
C LEU A 21 -4.11 9.41 20.02
N GLN A 22 -4.58 10.36 20.84
CA GLN A 22 -4.79 10.14 22.27
C GLN A 22 -6.27 9.89 22.67
N VAL A 23 -6.51 8.74 23.35
CA VAL A 23 -7.83 8.31 23.82
C VAL A 23 -7.96 8.59 25.34
N TYR A 24 -8.95 9.41 25.71
CA TYR A 24 -9.19 9.81 27.09
C TYR A 24 -10.59 9.44 27.58
N THR A 25 -10.74 9.21 28.89
CA THR A 25 -12.00 8.92 29.58
C THR A 25 -12.59 10.25 30.03
N ALA A 26 -13.92 10.28 30.26
CA ALA A 26 -14.68 11.45 30.73
C ALA A 26 -14.00 12.15 31.94
N ASP A 27 -13.23 11.35 32.69
CA ASP A 27 -12.47 11.67 33.88
C ASP A 27 -11.10 12.24 33.53
N ASN A 28 -10.89 12.66 32.25
CA ASN A 28 -9.65 13.25 31.69
C ASN A 28 -8.39 12.35 31.77
N GLN A 29 -8.58 11.03 31.98
CA GLN A 29 -7.52 10.00 32.07
C GLN A 29 -7.20 9.33 30.70
N LEU A 30 -5.90 9.34 30.32
CA LEU A 30 -5.38 8.76 29.08
C LEU A 30 -5.33 7.24 29.21
N ILE A 31 -6.11 6.53 28.37
CA ILE A 31 -6.19 5.07 28.41
C ILE A 31 -5.60 4.39 27.19
N ALA A 32 -5.44 5.14 26.11
CA ALA A 32 -4.86 4.61 24.89
C ALA A 32 -4.14 5.68 24.06
N GLU A 33 -3.13 5.26 23.29
CA GLU A 33 -2.32 6.08 22.37
C GLU A 33 -2.09 5.32 21.08
N TYR A 34 -2.47 5.94 19.96
CA TYR A 34 -2.35 5.34 18.64
C TYR A 34 -1.40 6.13 17.78
N GLY A 35 -0.22 5.53 17.55
CA GLY A 35 0.83 6.13 16.74
C GLY A 35 0.56 5.88 15.28
N GLY A 36 0.67 6.93 14.49
CA GLY A 36 0.50 6.81 13.05
C GLY A 36 1.83 6.93 12.35
N LYS A 37 1.85 7.71 11.25
CA LYS A 37 3.04 7.99 10.43
C LYS A 37 4.07 8.69 11.33
N LEU A 38 5.31 8.13 11.41
CA LEU A 38 6.36 8.63 12.29
C LEU A 38 7.57 9.13 11.50
N SER A 39 8.07 10.31 11.86
CA SER A 39 9.24 10.95 11.27
C SER A 39 10.05 11.59 12.39
N ILE A 40 11.30 11.14 12.57
CA ILE A 40 12.19 11.70 13.59
C ILE A 40 13.35 12.35 12.84
N PRO A 41 13.24 13.63 12.45
CA PRO A 41 14.33 14.26 11.68
C PRO A 41 15.67 14.27 12.42
N VAL A 42 16.75 14.00 11.69
CA VAL A 42 18.11 13.97 12.20
C VAL A 42 19.00 14.90 11.41
N GLU A 43 20.00 15.51 12.06
CA GLU A 43 20.93 16.39 11.35
C GLU A 43 21.87 15.46 10.59
N TYR A 44 22.22 15.80 9.34
CA TYR A 44 23.07 14.95 8.50
C TYR A 44 24.34 14.48 9.17
N LYS A 45 25.06 15.41 9.85
CA LYS A 45 26.30 15.12 10.59
C LYS A 45 26.14 14.08 11.72
N GLN A 46 24.88 13.80 12.16
CA GLN A 46 24.60 12.84 13.22
C GLN A 46 24.42 11.41 12.69
N ILE A 47 24.39 11.25 11.35
CA ILE A 47 24.19 9.93 10.71
C ILE A 47 25.48 9.13 10.68
N PRO A 48 25.48 7.86 11.14
CA PRO A 48 26.70 7.05 11.04
C PRO A 48 27.17 6.88 9.60
N PRO A 49 28.48 7.10 9.31
CA PRO A 49 28.98 6.93 7.93
C PRO A 49 28.59 5.62 7.26
N ASN A 50 28.56 4.49 8.00
CA ASN A 50 28.17 3.18 7.45
C ASN A 50 26.72 3.15 6.93
N PHE A 51 25.81 3.94 7.56
CA PHE A 51 24.41 4.04 7.16
C PHE A 51 24.33 4.69 5.78
N ILE A 52 25.11 5.77 5.55
CA ILE A 52 25.20 6.48 4.26
C ILE A 52 25.78 5.52 3.23
N HIS A 53 26.81 4.75 3.61
CA HIS A 53 27.45 3.74 2.77
C HIS A 53 26.50 2.65 2.34
N ALA A 54 25.62 2.22 3.25
CA ALA A 54 24.61 1.22 2.97
C ALA A 54 23.67 1.72 1.85
N PHE A 55 23.29 3.03 1.87
CA PHE A 55 22.46 3.63 0.82
C PHE A 55 23.22 3.76 -0.49
N LEU A 56 24.51 4.11 -0.44
CA LEU A 56 25.36 4.21 -1.63
C LEU A 56 25.48 2.87 -2.32
N ALA A 57 25.57 1.78 -1.54
CA ALA A 57 25.69 0.40 -2.05
C ALA A 57 24.33 -0.26 -2.41
N ALA A 58 23.20 0.43 -2.13
CA ALA A 58 21.88 -0.13 -2.37
C ALA A 58 21.48 -0.35 -3.84
N GLU A 59 22.14 0.35 -4.80
CA GLU A 59 21.88 0.25 -6.26
C GLU A 59 23.20 0.18 -7.00
N ASP A 60 23.24 -0.54 -8.13
CA ASP A 60 24.48 -0.67 -8.92
C ASP A 60 24.96 0.61 -9.56
N SER A 61 24.02 1.49 -9.96
CA SER A 61 24.44 2.72 -10.60
C SER A 61 23.60 3.91 -10.29
N SER A 62 24.32 5.00 -10.00
CA SER A 62 23.81 6.32 -9.67
C SER A 62 24.35 7.29 -10.73
N PHE A 63 23.45 8.10 -11.31
CA PHE A 63 23.87 9.05 -12.35
C PHE A 63 23.45 10.46 -12.02
N PHE A 64 23.10 10.73 -10.76
CA PHE A 64 22.66 12.06 -10.31
C PHE A 64 23.66 13.17 -10.58
N GLN A 125 32.01 4.20 -7.06
CA GLN A 125 32.19 5.52 -6.45
C GLN A 125 30.84 6.24 -6.13
N ASN A 126 30.33 7.04 -7.09
CA ASN A 126 29.05 7.79 -7.01
C ASN A 126 28.82 8.58 -5.67
N LEU A 127 29.53 9.72 -5.54
CA LEU A 127 29.55 10.67 -4.42
C LEU A 127 28.35 11.64 -4.43
N SER A 128 27.79 11.94 -5.62
CA SER A 128 26.64 12.82 -5.80
C SER A 128 25.37 12.29 -5.10
N LYS A 129 25.23 10.95 -4.99
CA LYS A 129 24.09 10.32 -4.32
C LYS A 129 24.12 10.67 -2.83
N GLU A 130 25.33 10.71 -2.24
CA GLU A 130 25.51 11.12 -0.87
C GLU A 130 24.92 12.54 -0.63
N ASP A 131 25.27 13.51 -1.50
CA ASP A 131 24.77 14.88 -1.36
C ASP A 131 23.27 14.93 -1.56
N ILE A 132 22.70 14.17 -2.52
CA ILE A 132 21.24 14.16 -2.77
C ILE A 132 20.48 13.39 -1.71
N LEU A 133 21.12 12.36 -1.09
CA LEU A 133 20.55 11.53 -0.01
C LEU A 133 20.13 12.38 1.20
N SER A 134 20.92 13.42 1.54
CA SER A 134 20.65 14.35 2.64
C SER A 134 19.29 15.05 2.53
N LEU A 135 18.77 15.20 1.30
CA LEU A 135 17.47 15.83 1.02
C LEU A 135 16.28 14.90 1.29
N TYR A 136 16.55 13.57 1.39
CA TYR A 136 15.52 12.53 1.55
C TYR A 136 15.60 11.68 2.80
N VAL A 137 16.79 11.56 3.39
CA VAL A 137 17.08 10.78 4.58
C VAL A 137 16.06 10.81 5.75
N ASN A 138 15.30 11.90 5.92
CA ASN A 138 14.30 12.03 6.99
C ASN A 138 12.87 11.85 6.46
N LYS A 139 12.74 11.60 5.16
CA LYS A 139 11.46 11.50 4.47
C LYS A 139 11.19 10.13 3.88
N ILE A 140 12.23 9.40 3.43
CA ILE A 140 12.10 8.10 2.74
C ILE A 140 11.13 7.15 3.44
N PHE A 141 10.08 6.73 2.72
CA PHE A 141 9.09 5.79 3.25
C PHE A 141 9.77 4.43 3.29
N LEU A 142 9.85 3.88 4.52
CA LEU A 142 10.55 2.64 4.74
C LEU A 142 9.65 1.52 5.25
N GLY A 143 8.34 1.69 5.05
CA GLY A 143 7.33 0.72 5.46
C GLY A 143 6.93 0.83 6.92
N LYS A 144 5.77 0.20 7.27
CA LYS A 144 5.25 0.16 8.63
C LYS A 144 5.18 1.54 9.32
N ASN A 145 4.70 2.59 8.58
CA ASN A 145 4.54 4.00 9.02
C ASN A 145 5.83 4.76 9.29
N ALA A 146 6.99 4.20 8.82
CA ALA A 146 8.31 4.78 9.00
C ALA A 146 8.68 5.72 7.83
N TYR A 147 8.91 6.98 8.16
CA TYR A 147 9.33 8.03 7.23
C TYR A 147 10.64 8.55 7.70
N GLY A 148 11.70 8.11 7.05
CA GLY A 148 13.06 8.49 7.41
C GLY A 148 13.76 7.41 8.20
N ILE A 149 15.09 7.45 8.17
CA ILE A 149 15.97 6.49 8.82
C ILE A 149 15.77 6.27 10.34
N ALA A 150 15.54 7.37 11.10
CA ALA A 150 15.35 7.32 12.56
C ALA A 150 14.04 6.62 12.94
N ALA A 151 12.95 6.92 12.18
CA ALA A 151 11.64 6.31 12.38
C ALA A 151 11.69 4.81 12.06
N ALA A 152 12.49 4.38 11.08
CA ALA A 152 12.66 2.96 10.75
C ALA A 152 13.47 2.22 11.84
N ALA A 153 14.51 2.87 12.37
CA ALA A 153 15.37 2.33 13.42
C ALA A 153 14.53 2.10 14.66
N LYS A 154 13.59 3.04 14.94
CA LYS A 154 12.65 2.96 16.05
C LYS A 154 11.60 1.88 15.82
N ILE A 155 10.88 1.94 14.68
CA ILE A 155 9.80 1.01 14.36
C ILE A 155 10.24 -0.45 14.27
N TYR A 156 11.36 -0.71 13.60
CA TYR A 156 11.87 -2.06 13.39
C TYR A 156 12.69 -2.63 14.53
N TYR A 157 13.53 -1.79 15.19
CA TYR A 157 14.47 -2.29 16.20
C TYR A 157 14.40 -1.62 17.55
N ASN A 158 13.57 -0.56 17.70
CA ASN A 158 13.42 0.25 18.93
C ASN A 158 14.80 0.82 19.29
N LYS A 159 15.52 1.21 18.24
CA LYS A 159 16.88 1.75 18.31
C LYS A 159 16.97 3.15 17.76
N SER A 160 18.07 3.82 18.13
CA SER A 160 18.46 5.11 17.57
C SER A 160 19.35 4.69 16.40
N ILE A 161 19.53 5.56 15.39
CA ILE A 161 20.37 5.25 14.22
C ILE A 161 21.80 4.92 14.61
N ASN A 162 22.25 5.44 15.76
CA ASN A 162 23.58 5.23 16.33
C ASN A 162 23.76 3.92 17.09
N GLU A 163 22.66 3.17 17.32
CA GLU A 163 22.64 1.86 17.97
C GLU A 163 22.53 0.74 16.94
N LEU A 164 22.37 1.09 15.67
CA LEU A 164 22.19 0.08 14.62
C LEU A 164 23.49 -0.59 14.26
N SER A 165 23.42 -1.89 13.96
CA SER A 165 24.53 -2.69 13.47
C SER A 165 24.65 -2.47 11.94
N ILE A 166 25.78 -2.90 11.33
CA ILE A 166 25.98 -2.77 9.88
C ILE A 166 24.82 -3.48 9.13
N ALA A 167 24.49 -4.71 9.57
CA ALA A 167 23.42 -5.54 9.00
C ALA A 167 22.05 -4.85 9.05
N GLN A 168 21.73 -4.18 10.17
CA GLN A 168 20.44 -3.46 10.33
C GLN A 168 20.40 -2.22 9.43
N MET A 169 21.56 -1.54 9.24
CA MET A 169 21.69 -0.36 8.36
C MET A 169 21.49 -0.81 6.92
N ALA A 170 22.09 -1.98 6.54
CA ALA A 170 21.93 -2.58 5.21
C ALA A 170 20.48 -2.99 4.98
N MET A 171 19.79 -3.48 6.03
CA MET A 171 18.39 -3.87 5.98
C MET A 171 17.48 -2.68 5.64
N ILE A 172 17.65 -1.55 6.35
CA ILE A 172 16.90 -0.31 6.13
C ILE A 172 17.15 0.26 4.73
N ALA A 173 18.42 0.26 4.29
CA ALA A 173 18.85 0.81 2.99
C ALA A 173 18.27 0.05 1.77
N GLY A 174 17.78 -1.16 2.01
CA GLY A 174 17.19 -2.01 0.99
C GLY A 174 15.70 -1.84 0.82
N LEU A 175 15.09 -1.07 1.73
CA LEU A 175 13.66 -0.77 1.74
C LEU A 175 13.16 0.37 0.82
N PRO A 176 13.88 1.47 0.51
CA PRO A 176 13.28 2.53 -0.33
C PRO A 176 12.60 2.07 -1.62
N LYS A 177 13.27 1.19 -2.38
CA LYS A 177 12.85 0.65 -3.68
C LYS A 177 11.45 0.07 -3.65
N ALA A 178 11.18 -0.83 -2.68
CA ALA A 178 9.89 -1.50 -2.52
C ALA A 178 9.64 -1.83 -1.03
N PRO A 179 9.07 -0.88 -0.24
CA PRO A 179 8.89 -1.15 1.19
C PRO A 179 7.75 -2.13 1.54
N SER A 180 7.61 -3.19 0.72
CA SER A 180 6.65 -4.28 0.83
C SER A 180 7.28 -5.55 0.21
N LYS A 181 7.84 -5.46 -1.02
CA LYS A 181 8.53 -6.58 -1.71
C LYS A 181 9.83 -7.00 -0.98
N TYR A 182 10.46 -6.06 -0.22
CA TYR A 182 11.70 -6.30 0.56
C TYR A 182 11.53 -6.12 2.09
N ASN A 183 10.31 -5.81 2.57
CA ASN A 183 9.99 -5.56 3.99
C ASN A 183 10.27 -6.76 4.92
N PRO A 184 11.05 -6.61 6.04
CA PRO A 184 11.36 -7.77 6.90
C PRO A 184 10.18 -8.38 7.67
N VAL A 185 9.11 -7.60 7.92
CA VAL A 185 7.88 -8.02 8.60
C VAL A 185 7.06 -8.92 7.67
N VAL A 186 6.87 -8.51 6.40
CA VAL A 186 6.08 -9.22 5.39
C VAL A 186 6.87 -10.29 4.62
N ASN A 187 8.01 -9.93 4.01
CA ASN A 187 8.86 -10.87 3.27
C ASN A 187 10.24 -11.02 3.95
N PRO A 188 10.37 -11.80 5.04
CA PRO A 188 11.69 -11.94 5.69
C PRO A 188 12.78 -12.60 4.83
N GLU A 189 12.36 -13.45 3.88
CA GLU A 189 13.23 -14.15 2.93
C GLU A 189 13.78 -13.17 1.92
N ARG A 190 12.90 -12.34 1.33
CA ARG A 190 13.28 -11.31 0.37
C ARG A 190 14.13 -10.20 1.04
N ALA A 191 13.78 -9.84 2.30
CA ALA A 191 14.47 -8.86 3.13
C ALA A 191 15.95 -9.22 3.30
N LEU A 192 16.25 -10.48 3.67
CA LEU A 192 17.61 -10.99 3.89
C LEU A 192 18.36 -11.12 2.58
N GLU A 193 17.66 -11.46 1.49
CA GLU A 193 18.25 -11.60 0.15
C GLU A 193 18.82 -10.24 -0.30
N ARG A 194 17.98 -9.20 -0.21
CA ARG A 194 18.31 -7.80 -0.53
C ARG A 194 19.44 -7.26 0.37
N ARG A 195 19.31 -7.48 1.71
CA ARG A 195 20.29 -7.05 2.71
C ARG A 195 21.67 -7.60 2.43
N ASN A 196 21.80 -8.94 2.31
CA ASN A 196 23.08 -9.60 2.08
C ASN A 196 23.74 -9.18 0.79
N TRP A 197 22.92 -8.84 -0.23
CA TRP A 197 23.41 -8.33 -1.50
C TRP A 197 24.07 -6.96 -1.28
N ILE A 198 23.41 -6.06 -0.47
CA ILE A 198 23.89 -4.71 -0.11
C ILE A 198 25.19 -4.81 0.72
N LEU A 199 25.22 -5.75 1.67
CA LEU A 199 26.40 -6.02 2.50
C LEU A 199 27.57 -6.42 1.62
N GLY A 200 27.32 -7.30 0.63
CA GLY A 200 28.31 -7.76 -0.33
C GLY A 200 28.88 -6.64 -1.16
N ARG A 201 27.99 -5.71 -1.58
CA ARG A 201 28.34 -4.52 -2.35
C ARG A 201 29.11 -3.48 -1.52
N MET A 202 28.82 -3.40 -0.21
CA MET A 202 29.51 -2.49 0.73
C MET A 202 30.98 -2.94 0.84
N LEU A 203 31.20 -4.27 0.85
CA LEU A 203 32.51 -4.90 0.88
C LEU A 203 33.30 -4.58 -0.42
N GLN A 204 32.70 -4.90 -1.60
CA GLN A 204 33.29 -4.65 -2.93
C GLN A 204 33.64 -3.19 -3.13
N LEU A 205 32.86 -2.26 -2.56
CA LEU A 205 33.11 -0.81 -2.64
C LEU A 205 34.12 -0.29 -1.59
N GLY A 206 34.58 -1.18 -0.70
CA GLY A 206 35.56 -0.84 0.33
C GLY A 206 35.01 -0.07 1.51
N TYR A 207 33.67 -0.07 1.69
CA TYR A 207 33.02 0.64 2.79
C TYR A 207 33.16 -0.15 4.10
N ILE A 208 33.20 -1.50 3.97
CA ILE A 208 33.32 -2.42 5.09
C ILE A 208 34.44 -3.43 4.86
N SER A 209 35.08 -3.87 5.94
CA SER A 209 36.12 -4.88 5.93
C SER A 209 35.48 -6.26 5.78
N GLN A 210 36.28 -7.29 5.47
CA GLN A 210 35.76 -8.66 5.35
C GLN A 210 35.29 -9.19 6.72
N ALA A 211 35.94 -8.73 7.81
CA ALA A 211 35.61 -9.04 9.20
C ALA A 211 34.20 -8.49 9.50
N GLU A 212 33.98 -7.19 9.18
CA GLU A 212 32.69 -6.51 9.34
C GLU A 212 31.64 -7.20 8.50
N TYR A 213 32.03 -7.62 7.28
CA TYR A 213 31.14 -8.33 6.36
C TYR A 213 30.70 -9.70 6.89
N GLN A 214 31.65 -10.57 7.32
CA GLN A 214 31.31 -11.93 7.80
C GLN A 214 30.39 -11.86 9.03
N LYS A 215 30.68 -10.93 9.95
CA LYS A 215 29.90 -10.66 11.17
C LYS A 215 28.44 -10.30 10.79
N ALA A 216 28.28 -9.33 9.87
CA ALA A 216 27.00 -8.81 9.40
C ALA A 216 26.13 -9.80 8.64
N VAL A 217 26.71 -10.60 7.71
CA VAL A 217 25.92 -11.59 6.96
C VAL A 217 25.36 -12.69 7.86
N ALA A 218 26.12 -13.07 8.89
CA ALA A 218 25.76 -14.09 9.88
C ALA A 218 24.66 -13.59 10.84
N GLU A 219 24.51 -12.26 10.99
CA GLU A 219 23.54 -11.64 11.88
C GLU A 219 22.08 -11.89 11.44
N PRO A 220 21.21 -12.46 12.32
CA PRO A 220 19.80 -12.68 11.93
C PRO A 220 19.00 -11.35 11.85
N ILE A 221 17.75 -11.39 11.30
CA ILE A 221 16.88 -10.21 11.14
C ILE A 221 16.85 -9.32 12.39
N ASN A 222 16.70 -9.93 13.57
CA ASN A 222 16.71 -9.30 14.89
C ASN A 222 15.70 -8.17 15.10
N LEU A 223 14.46 -8.37 14.63
CA LEU A 223 13.40 -7.38 14.80
C LEU A 223 13.06 -7.24 16.27
N ASN A 224 12.98 -6.00 16.74
CA ASN A 224 12.61 -5.66 18.11
C ASN A 224 11.60 -4.52 18.01
N MET A 225 10.48 -4.81 17.34
CA MET A 225 9.43 -3.85 17.03
C MET A 225 8.67 -3.39 18.25
N PRO A 226 8.84 -2.12 18.70
CA PRO A 226 8.01 -1.64 19.83
C PRO A 226 6.53 -1.52 19.40
N ASN A 227 5.63 -1.67 20.35
CA ASN A 227 4.20 -1.55 20.06
C ASN A 227 3.85 -0.08 20.08
N ARG A 228 3.26 0.43 19.01
CA ARG A 228 2.91 1.83 18.96
C ARG A 228 1.40 2.09 19.12
N ASP A 229 0.65 1.00 19.31
CA ASP A 229 -0.77 1.08 19.61
C ASP A 229 -0.88 0.67 21.08
N LEU A 230 -0.71 1.65 21.99
CA LEU A 230 -0.77 1.42 23.43
C LEU A 230 -2.24 1.43 23.88
N ASN A 231 -2.73 0.27 24.34
CA ASN A 231 -4.11 0.06 24.76
C ASN A 231 -4.12 -1.07 25.78
N ASN A 232 -3.49 -0.86 26.94
CA ASN A 232 -3.35 -1.90 27.97
C ASN A 232 -4.12 -1.60 29.28
N ILE A 233 -4.99 -0.57 29.27
CA ILE A 233 -5.75 -0.18 30.45
C ILE A 233 -7.21 -0.62 30.28
N HIS A 234 -7.94 -0.06 29.29
CA HIS A 234 -9.33 -0.44 29.01
C HIS A 234 -9.44 -0.80 27.53
N PRO A 235 -8.92 -2.01 27.17
CA PRO A 235 -8.78 -2.37 25.75
C PRO A 235 -9.95 -2.22 24.82
N TYR A 236 -11.15 -2.67 25.24
CA TYR A 236 -12.36 -2.56 24.40
C TYR A 236 -12.76 -1.09 24.18
N ALA A 237 -12.55 -0.21 25.21
CA ALA A 237 -12.81 1.21 25.14
C ALA A 237 -11.89 1.92 24.16
N GLY A 238 -10.56 1.66 24.26
CA GLY A 238 -9.52 2.23 23.40
C GLY A 238 -9.74 1.87 21.95
N GLU A 239 -9.93 0.57 21.68
CA GLU A 239 -10.19 0.02 20.35
C GLU A 239 -11.49 0.55 19.71
N MET A 240 -12.53 0.80 20.52
CA MET A 240 -13.79 1.38 20.03
C MET A 240 -13.46 2.70 19.28
N VAL A 241 -12.66 3.58 19.89
CA VAL A 241 -12.23 4.85 19.28
C VAL A 241 -11.39 4.66 17.98
N ARG A 242 -10.28 3.88 18.05
CA ARG A 242 -9.41 3.61 16.90
C ARG A 242 -10.21 2.97 15.77
N SER A 243 -10.93 1.86 16.06
CA SER A 243 -11.69 1.14 15.02
C SER A 243 -12.77 1.98 14.32
N GLU A 244 -13.48 2.82 15.10
CA GLU A 244 -14.54 3.65 14.55
C GLU A 244 -13.99 4.76 13.66
N LEU A 245 -12.94 5.44 14.11
CA LEU A 245 -12.32 6.49 13.29
C LEU A 245 -11.80 5.90 11.97
N VAL A 246 -11.12 4.75 12.04
CA VAL A 246 -10.56 4.02 10.90
C VAL A 246 -11.66 3.46 9.97
N LYS A 247 -12.80 2.99 10.53
CA LYS A 247 -13.91 2.47 9.73
C LYS A 247 -14.54 3.57 8.88
N HIS A 248 -14.70 4.76 9.47
CA HIS A 248 -15.35 5.87 8.79
C HIS A 248 -14.43 6.79 8.00
N PHE A 249 -13.20 7.02 8.50
CA PHE A 249 -12.27 7.97 7.91
C PHE A 249 -10.93 7.43 7.46
N GLY A 250 -10.73 6.12 7.58
CA GLY A 250 -9.48 5.46 7.20
C GLY A 250 -8.30 5.80 8.08
N GLU A 251 -7.16 5.15 7.80
CA GLU A 251 -5.90 5.29 8.54
C GLU A 251 -5.34 6.70 8.75
N GLN A 252 -5.76 7.68 7.94
CA GLN A 252 -5.32 9.08 8.05
C GLN A 252 -5.86 9.71 9.32
N ALA A 253 -6.95 9.12 9.91
CA ALA A 253 -7.62 9.58 11.12
C ALA A 253 -6.72 9.47 12.36
N ILE A 254 -5.75 8.54 12.32
CA ILE A 254 -4.79 8.29 13.38
C ILE A 254 -3.63 9.27 13.28
N ASP A 255 -3.16 9.55 12.05
CA ASP A 255 -2.03 10.45 11.80
C ASP A 255 -2.29 11.90 12.19
N SER A 256 -3.57 12.27 12.37
CA SER A 256 -4.08 13.60 12.73
C SER A 256 -3.55 14.20 14.06
N GLY A 257 -3.08 13.34 14.99
CA GLY A 257 -2.55 13.76 16.30
C GLY A 257 -3.57 14.34 17.27
N TYR A 258 -4.87 14.09 17.00
CA TYR A 258 -6.01 14.58 17.78
C TYR A 258 -6.15 13.89 19.14
N LYS A 259 -6.68 14.64 20.12
CA LYS A 259 -6.98 14.16 21.47
C LYS A 259 -8.50 13.95 21.52
N VAL A 260 -8.91 12.69 21.69
CA VAL A 260 -10.32 12.30 21.77
C VAL A 260 -10.73 12.17 23.26
N TYR A 261 -11.53 13.12 23.73
CA TYR A 261 -12.05 13.09 25.09
C TYR A 261 -13.42 12.41 25.06
N THR A 262 -13.44 11.09 25.40
CA THR A 262 -14.64 10.23 25.38
C THR A 262 -15.58 10.37 26.56
N THR A 263 -16.77 9.73 26.46
CA THR A 263 -17.82 9.66 27.47
C THR A 263 -17.59 8.47 28.47
N ILE A 264 -16.62 7.58 28.19
CA ILE A 264 -16.33 6.43 29.05
C ILE A 264 -15.96 6.87 30.49
N ASN A 265 -16.61 6.24 31.49
CA ASN A 265 -16.33 6.41 32.92
C ASN A 265 -15.37 5.29 33.25
N ALA A 266 -14.11 5.61 33.59
CA ALA A 266 -13.08 4.62 33.89
C ALA A 266 -13.40 3.65 35.05
N LYS A 267 -13.99 4.17 36.12
CA LYS A 267 -14.41 3.36 37.27
C LYS A 267 -15.46 2.33 36.82
N ARG A 268 -16.52 2.81 36.11
CA ARG A 268 -17.59 1.98 35.59
C ARG A 268 -17.06 0.95 34.56
N GLN A 269 -16.07 1.39 33.75
CA GLN A 269 -15.41 0.55 32.74
C GLN A 269 -14.62 -0.61 33.41
N ALA A 270 -13.90 -0.30 34.49
CA ALA A 270 -13.14 -1.28 35.27
C ALA A 270 -14.08 -2.29 35.91
N ILE A 271 -15.22 -1.82 36.46
CA ILE A 271 -16.26 -2.67 37.06
C ILE A 271 -16.84 -3.67 36.03
N ALA A 272 -17.18 -3.14 34.83
CA ALA A 272 -17.77 -3.89 33.72
C ALA A 272 -16.89 -5.04 33.25
N GLU A 273 -15.57 -4.75 33.08
CA GLU A 273 -14.56 -5.71 32.63
C GLU A 273 -14.50 -6.89 33.59
N LYS A 274 -14.44 -6.59 34.88
CA LYS A 274 -14.40 -7.57 35.96
C LYS A 274 -15.72 -8.35 36.06
N ALA A 275 -16.88 -7.65 35.89
CA ALA A 275 -18.18 -8.31 35.97
C ALA A 275 -18.38 -9.36 34.84
N VAL A 276 -17.93 -9.02 33.61
CA VAL A 276 -18.05 -9.91 32.43
C VAL A 276 -17.12 -11.10 32.60
N GLN A 277 -15.87 -10.85 33.05
CA GLN A 277 -14.90 -11.90 33.30
C GLN A 277 -15.43 -12.90 34.35
N ASP A 278 -15.82 -12.40 35.52
CA ASP A 278 -16.37 -13.25 36.60
C ASP A 278 -17.59 -14.06 36.19
N GLY A 279 -18.55 -13.41 35.54
CA GLY A 279 -19.79 -14.03 35.08
C GLY A 279 -19.57 -15.16 34.09
N LEU A 280 -18.72 -14.90 33.10
CA LEU A 280 -18.36 -15.91 32.08
C LEU A 280 -17.61 -17.08 32.71
N GLU A 281 -16.68 -16.76 33.64
CA GLU A 281 -15.94 -17.80 34.39
C GLU A 281 -16.87 -18.64 35.26
N ALA A 282 -17.90 -18.01 35.88
CA ALA A 282 -18.87 -18.73 36.71
C ALA A 282 -19.66 -19.74 35.87
N TYR A 283 -20.11 -19.31 34.67
CA TYR A 283 -20.83 -20.19 33.74
C TYR A 283 -19.91 -21.36 33.37
N ASP A 284 -18.73 -20.99 32.89
CA ASP A 284 -17.74 -21.92 32.41
C ASP A 284 -17.42 -23.06 33.38
N ARG A 285 -17.05 -22.71 34.64
CA ARG A 285 -16.64 -23.66 35.67
C ARG A 285 -17.72 -24.66 35.98
N ARG A 286 -18.99 -24.20 36.14
CA ARG A 286 -20.10 -25.10 36.42
C ARG A 286 -20.40 -26.09 35.27
N HIS A 287 -19.95 -25.79 34.04
CA HIS A 287 -20.17 -26.70 32.91
C HIS A 287 -19.00 -27.67 32.71
N GLY A 288 -17.97 -27.54 33.55
CA GLY A 288 -16.84 -28.47 33.60
C GLY A 288 -15.61 -28.18 32.78
N TRP A 289 -14.53 -28.90 33.13
CA TRP A 289 -13.23 -28.87 32.46
C TRP A 289 -13.35 -29.45 31.05
N ARG A 290 -12.96 -28.67 30.04
CA ARG A 290 -13.05 -29.08 28.64
C ARG A 290 -11.77 -29.61 28.05
N GLY A 291 -10.74 -29.73 28.89
CA GLY A 291 -9.41 -30.19 28.48
C GLY A 291 -8.55 -29.02 28.10
N ALA A 292 -7.23 -29.23 27.99
CA ALA A 292 -6.27 -28.19 27.63
C ALA A 292 -6.65 -27.51 26.29
N GLU A 293 -6.38 -26.19 26.17
CA GLU A 293 -6.72 -25.47 24.93
C GLU A 293 -5.94 -25.89 23.70
N ALA A 294 -4.79 -26.52 23.92
CA ALA A 294 -3.93 -27.05 22.87
C ALA A 294 -3.08 -28.16 23.44
N HIS A 295 -2.58 -29.02 22.56
CA HIS A 295 -1.68 -30.10 22.93
C HIS A 295 -0.58 -30.15 21.90
N ASP A 296 0.66 -30.24 22.38
CA ASP A 296 1.87 -30.32 21.57
C ASP A 296 1.95 -29.18 20.55
N LYS A 297 1.70 -27.95 21.04
CA LYS A 297 1.78 -26.71 20.25
C LYS A 297 2.80 -25.79 20.94
N PRO A 298 3.50 -24.90 20.19
CA PRO A 298 4.53 -24.04 20.84
C PRO A 298 3.96 -22.98 21.80
N LEU A 299 4.40 -23.03 23.07
CA LEU A 299 4.04 -22.12 24.17
C LEU A 299 4.13 -20.62 23.78
N SER A 300 5.06 -20.26 22.88
CA SER A 300 5.23 -18.90 22.40
C SER A 300 4.05 -18.42 21.55
N GLU A 301 3.22 -19.35 21.04
CA GLU A 301 2.05 -19.01 20.22
C GLU A 301 0.83 -18.61 21.07
N PHE A 302 0.94 -18.65 22.40
CA PHE A 302 -0.12 -18.29 23.33
C PHE A 302 0.17 -16.97 24.03
N ARG A 303 -0.87 -16.29 24.52
CA ARG A 303 -0.75 -15.00 25.19
C ARG A 303 -1.42 -15.01 26.55
N ALA A 304 -0.87 -14.25 27.52
CA ALA A 304 -1.53 -14.07 28.81
C ALA A 304 -2.60 -12.97 28.63
N TYR A 305 -3.74 -13.14 29.29
CA TYR A 305 -4.86 -12.19 29.34
C TYR A 305 -5.80 -12.62 30.42
N ALA A 306 -6.70 -11.71 30.87
CA ALA A 306 -7.71 -11.98 31.90
C ALA A 306 -7.18 -12.68 33.18
N ASN A 307 -5.90 -12.38 33.53
CA ASN A 307 -5.19 -12.95 34.68
C ASN A 307 -5.09 -14.49 34.57
N THR A 308 -4.73 -14.94 33.36
CA THR A 308 -4.55 -16.34 33.02
C THR A 308 -3.23 -16.39 32.32
N TYR A 309 -2.42 -17.37 32.67
CA TYR A 309 -1.09 -17.43 32.08
C TYR A 309 -0.83 -18.76 31.40
N PRO A 310 -0.57 -18.73 30.07
CA PRO A 310 -0.29 -19.99 29.34
C PRO A 310 0.90 -20.74 29.92
N ALA A 311 0.69 -22.04 30.19
CA ALA A 311 1.70 -22.93 30.74
C ALA A 311 1.67 -24.28 30.01
N GLN A 312 2.83 -24.96 29.96
CA GLN A 312 2.96 -26.27 29.32
C GLN A 312 3.22 -27.34 30.35
N VAL A 313 2.37 -28.39 30.38
CA VAL A 313 2.49 -29.51 31.32
C VAL A 313 3.76 -30.29 31.01
N THR A 314 4.67 -30.38 31.99
CA THR A 314 5.97 -31.05 31.83
C THR A 314 6.09 -32.36 32.61
N LYS A 315 5.28 -32.52 33.68
CA LYS A 315 5.28 -33.70 34.55
C LYS A 315 3.93 -33.79 35.26
N VAL A 316 3.33 -35.00 35.27
CA VAL A 316 2.05 -35.26 35.92
C VAL A 316 2.28 -36.31 37.02
N ASN A 317 1.80 -36.02 38.24
CA ASN A 317 1.86 -36.87 39.41
C ASN A 317 0.44 -37.32 39.76
N SER A 318 0.24 -37.96 40.93
CA SER A 318 -1.09 -38.43 41.33
C SER A 318 -2.06 -37.29 41.71
N SER A 319 -1.61 -36.35 42.56
CA SER A 319 -2.42 -35.21 43.06
C SER A 319 -1.94 -33.83 42.52
N SER A 320 -0.81 -33.78 41.80
CA SER A 320 -0.24 -32.53 41.31
C SER A 320 0.35 -32.63 39.91
N PHE A 321 0.68 -31.48 39.30
CA PHE A 321 1.36 -31.42 38.01
C PHE A 321 2.33 -30.26 37.93
N GLU A 322 3.38 -30.41 37.12
CA GLU A 322 4.39 -29.39 36.89
C GLU A 322 4.16 -28.76 35.52
N ALA A 323 4.28 -27.44 35.44
CA ALA A 323 4.06 -26.70 34.22
C ALA A 323 5.13 -25.65 33.98
N LEU A 324 5.50 -25.45 32.70
CA LEU A 324 6.50 -24.50 32.26
C LEU A 324 5.82 -23.22 31.81
N MET A 325 6.27 -22.09 32.38
CA MET A 325 5.73 -20.76 32.12
C MET A 325 6.45 -20.09 30.96
N GLN A 326 5.90 -18.97 30.46
CA GLN A 326 6.49 -18.22 29.34
C GLN A 326 7.81 -17.51 29.68
N ASP A 327 8.13 -17.38 30.99
CA ASP A 327 9.38 -16.80 31.44
C ASP A 327 10.46 -17.88 31.68
N GLY A 328 10.11 -19.13 31.39
CA GLY A 328 11.00 -20.29 31.52
C GLY A 328 10.98 -20.98 32.87
N SER A 329 10.30 -20.40 33.86
CA SER A 329 10.23 -20.99 35.19
C SER A 329 9.17 -22.09 35.30
N THR A 330 9.51 -23.16 36.02
CA THR A 330 8.62 -24.29 36.25
C THR A 330 7.83 -24.06 37.56
N VAL A 331 6.50 -24.26 37.50
CA VAL A 331 5.61 -24.13 38.66
C VAL A 331 4.92 -25.47 38.95
N THR A 332 4.34 -25.61 40.15
CA THR A 332 3.61 -26.80 40.56
C THR A 332 2.19 -26.39 40.90
N VAL A 333 1.21 -27.15 40.40
CA VAL A 333 -0.20 -26.92 40.72
C VAL A 333 -0.58 -28.06 41.65
N GLN A 334 -1.04 -27.72 42.85
CA GLN A 334 -1.45 -28.71 43.86
C GLN A 334 -2.89 -29.16 43.60
N TRP A 335 -3.34 -30.24 44.27
CA TRP A 335 -4.69 -30.78 44.11
C TRP A 335 -5.80 -29.74 44.24
N SER A 336 -5.70 -28.86 45.26
CA SER A 336 -6.67 -27.78 45.53
C SER A 336 -6.88 -26.84 44.33
N GLY A 337 -5.84 -26.65 43.51
CA GLY A 337 -5.90 -25.81 42.33
C GLY A 337 -6.46 -26.45 41.07
N MET A 338 -6.80 -27.76 41.13
CA MET A 338 -7.32 -28.49 39.97
C MET A 338 -8.53 -29.41 40.27
N SER A 339 -8.83 -29.68 41.56
CA SER A 339 -9.90 -30.60 42.00
C SER A 339 -11.30 -30.27 41.45
N TRP A 340 -11.53 -29.01 41.04
CA TRP A 340 -12.80 -28.53 40.48
C TRP A 340 -13.12 -29.16 39.11
N ALA A 341 -12.09 -29.65 38.43
CA ALA A 341 -12.14 -30.19 37.07
C ALA A 341 -13.04 -31.39 36.73
N ARG A 342 -14.36 -31.36 37.10
CA ARG A 342 -15.32 -32.41 36.67
C ARG A 342 -15.36 -32.25 35.14
N PRO A 343 -15.24 -33.33 34.35
CA PRO A 343 -15.18 -33.14 32.89
C PRO A 343 -16.52 -32.76 32.26
N TYR A 344 -16.50 -31.78 31.35
CA TYR A 344 -17.65 -31.40 30.54
C TYR A 344 -17.99 -32.62 29.66
N ARG A 345 -19.24 -33.13 29.71
CA ARG A 345 -19.72 -34.27 28.91
C ARG A 345 -20.51 -33.71 27.72
N ASN A 346 -21.43 -32.76 28.03
CA ASN A 346 -22.27 -32.01 27.10
C ASN A 346 -22.80 -30.74 27.82
N ALA A 347 -23.55 -29.88 27.11
CA ALA A 347 -24.11 -28.64 27.68
C ALA A 347 -24.94 -28.87 28.95
N ASN A 348 -25.55 -30.08 29.11
CA ASN A 348 -26.40 -30.43 30.26
C ASN A 348 -25.79 -31.50 31.15
N SER A 349 -24.52 -31.89 30.94
CA SER A 349 -23.88 -32.96 31.73
C SER A 349 -22.38 -32.77 32.02
N VAL A 350 -21.97 -33.06 33.28
CA VAL A 350 -20.58 -33.05 33.74
C VAL A 350 -20.28 -34.42 34.33
N GLY A 351 -19.07 -34.92 34.09
CA GLY A 351 -18.65 -36.21 34.61
C GLY A 351 -18.35 -36.19 36.10
N ALA A 352 -17.81 -37.33 36.59
CA ALA A 352 -17.44 -37.52 37.99
C ALA A 352 -16.28 -36.59 38.38
N ALA A 353 -16.26 -36.10 39.65
CA ALA A 353 -15.17 -35.25 40.17
C ALA A 353 -13.83 -36.01 39.96
N PRO A 354 -12.76 -35.31 39.49
CA PRO A 354 -11.50 -36.02 39.21
C PRO A 354 -10.92 -36.70 40.45
N SER A 355 -10.31 -37.88 40.27
CA SER A 355 -9.72 -38.65 41.36
C SER A 355 -8.20 -38.74 41.26
N ARG A 356 -7.62 -38.21 40.18
CA ARG A 356 -6.17 -38.17 39.92
C ARG A 356 -5.87 -37.12 38.85
N ALA A 357 -4.65 -36.53 38.89
CA ALA A 357 -4.22 -35.48 37.95
C ALA A 357 -4.14 -35.94 36.48
N SER A 358 -3.92 -37.26 36.23
CA SER A 358 -3.85 -37.84 34.88
C SER A 358 -5.20 -37.79 34.12
N GLN A 359 -6.32 -37.69 34.87
CA GLN A 359 -7.68 -37.56 34.33
C GLN A 359 -7.92 -36.14 33.82
N ILE A 360 -7.12 -35.17 34.29
CA ILE A 360 -7.26 -33.74 33.96
C ILE A 360 -6.27 -33.26 32.91
N VAL A 361 -4.98 -33.66 33.04
CA VAL A 361 -3.91 -33.17 32.15
C VAL A 361 -2.97 -34.27 31.67
N LYS A 362 -2.42 -34.10 30.46
CA LYS A 362 -1.42 -34.95 29.81
C LYS A 362 -0.13 -34.12 29.72
N VAL A 363 1.05 -34.76 29.68
CA VAL A 363 2.30 -34.03 29.48
C VAL A 363 2.25 -33.50 28.02
N LYS A 364 2.66 -32.22 27.80
CA LYS A 364 2.67 -31.48 26.54
C LYS A 364 1.38 -30.69 26.29
N ASP A 365 0.46 -30.69 27.27
CA ASP A 365 -0.78 -29.93 27.23
C ASP A 365 -0.53 -28.43 27.46
N ILE A 366 -1.28 -27.57 26.75
CA ILE A 366 -1.21 -26.12 26.94
C ILE A 366 -2.42 -25.72 27.78
N VAL A 367 -2.15 -25.43 29.06
CA VAL A 367 -3.14 -25.04 30.06
C VAL A 367 -2.94 -23.55 30.44
N ARG A 368 -3.91 -23.01 31.17
CA ARG A 368 -3.93 -21.63 31.69
C ARG A 368 -3.86 -21.72 33.21
N LEU A 369 -2.99 -20.91 33.81
CA LEU A 369 -2.87 -20.89 35.27
C LEU A 369 -3.11 -19.50 35.78
N ARG A 370 -3.45 -19.38 37.06
CA ARG A 370 -3.70 -18.12 37.73
C ARG A 370 -3.05 -18.10 39.11
N PRO A 371 -2.38 -16.97 39.46
CA PRO A 371 -1.74 -16.82 40.77
C PRO A 371 -2.56 -16.02 41.81
N ASN A 372 -2.07 -15.95 43.07
CA ASN A 372 -2.69 -15.23 44.21
C ASN A 372 -2.69 -13.69 44.05
N GLU A 373 -3.16 -12.96 45.11
CA GLU A 373 -3.18 -11.49 45.17
C GLU A 373 -1.74 -10.98 45.19
N ALA A 374 -0.84 -11.79 45.79
CA ALA A 374 0.60 -11.56 45.86
C ALA A 374 1.30 -12.65 45.04
N LYS A 375 1.29 -13.94 45.54
CA LYS A 375 1.85 -15.20 45.00
C LYS A 375 2.25 -16.16 46.15
N THR A 376 1.88 -17.44 46.03
CA THR A 376 2.16 -18.56 46.97
C THR A 376 1.88 -19.92 46.29
N ALA A 377 0.79 -19.98 45.51
CA ALA A 377 0.32 -21.14 44.76
C ALA A 377 -0.33 -20.71 43.44
N TRP A 378 -0.52 -21.66 42.52
CA TRP A 378 -1.16 -21.46 41.22
C TRP A 378 -2.34 -22.42 41.10
N SER A 379 -3.38 -22.00 40.37
CA SER A 379 -4.52 -22.86 40.13
C SER A 379 -4.76 -23.04 38.63
N LEU A 380 -5.30 -24.21 38.26
CA LEU A 380 -5.69 -24.54 36.90
C LEU A 380 -6.99 -23.79 36.63
N VAL A 381 -6.95 -22.92 35.64
CA VAL A 381 -8.12 -22.14 35.24
C VAL A 381 -8.50 -22.51 33.80
N GLN A 382 -9.58 -21.92 33.30
CA GLN A 382 -10.04 -22.19 31.97
C GLN A 382 -10.58 -20.95 31.31
N VAL A 383 -10.12 -20.65 30.08
CA VAL A 383 -10.67 -19.53 29.35
C VAL A 383 -12.04 -20.00 28.83
N PRO A 384 -13.12 -19.25 29.17
CA PRO A 384 -14.45 -19.68 28.72
C PRO A 384 -14.54 -19.73 27.19
N LYS A 385 -15.30 -20.72 26.65
CA LYS A 385 -15.56 -20.84 25.21
C LYS A 385 -16.80 -19.97 24.96
N VAL A 386 -17.62 -19.81 26.01
CA VAL A 386 -18.79 -18.95 25.99
C VAL A 386 -18.33 -17.48 25.91
N GLN A 387 -19.14 -16.66 25.29
CA GLN A 387 -18.84 -15.26 25.16
C GLN A 387 -19.90 -14.44 25.85
N GLY A 388 -19.62 -13.16 25.97
CA GLY A 388 -20.47 -12.19 26.63
C GLY A 388 -20.13 -10.77 26.28
N GLN A 389 -20.97 -9.84 26.66
CA GLN A 389 -20.79 -8.41 26.45
C GLN A 389 -21.56 -7.62 27.49
N LEU A 390 -21.21 -6.35 27.65
CA LEU A 390 -21.88 -5.39 28.52
C LEU A 390 -21.83 -4.03 27.83
N ILE A 391 -22.94 -3.32 27.83
CA ILE A 391 -22.99 -1.94 27.31
C ILE A 391 -23.81 -1.09 28.27
N ALA A 392 -23.21 0.01 28.78
CA ALA A 392 -23.85 0.93 29.72
C ALA A 392 -23.86 2.33 29.17
N ILE A 393 -25.09 2.89 28.99
CA ILE A 393 -25.32 4.23 28.44
C ILE A 393 -26.11 5.15 29.39
N ASN A 394 -25.96 6.49 29.23
CA ASN A 394 -26.73 7.48 29.97
C ASN A 394 -28.03 7.68 29.18
N PRO A 395 -29.19 7.39 29.80
CA PRO A 395 -30.47 7.49 29.07
C PRO A 395 -30.98 8.88 28.70
N ASN A 396 -30.32 9.94 29.21
CA ASN A 396 -30.70 11.32 28.90
C ASN A 396 -30.06 11.85 27.61
N ASP A 397 -28.85 11.36 27.24
CA ASP A 397 -28.15 11.83 26.05
C ASP A 397 -27.50 10.75 25.18
N GLY A 398 -27.51 9.50 25.65
CA GLY A 398 -26.94 8.37 24.92
C GLY A 398 -25.44 8.18 25.09
N SER A 399 -24.82 8.87 26.06
CA SER A 399 -23.40 8.75 26.38
C SER A 399 -23.04 7.32 26.72
N ILE A 400 -22.04 6.74 26.05
CA ILE A 400 -21.58 5.38 26.37
C ILE A 400 -20.59 5.49 27.53
N GLU A 401 -21.01 5.00 28.72
CA GLU A 401 -20.25 5.05 29.97
C GLU A 401 -19.32 3.86 30.21
N ALA A 402 -19.66 2.68 29.71
CA ALA A 402 -18.87 1.46 29.86
C ALA A 402 -19.19 0.54 28.71
N ILE A 403 -18.17 -0.18 28.19
CA ILE A 403 -18.33 -1.11 27.06
C ILE A 403 -17.32 -2.26 27.15
N VAL A 404 -17.82 -3.47 27.09
CA VAL A 404 -17.02 -4.68 27.13
C VAL A 404 -17.60 -5.54 26.02
N GLY A 405 -16.75 -5.77 25.00
CA GLY A 405 -17.10 -6.50 23.78
C GLY A 405 -16.98 -8.00 23.80
N GLY A 406 -16.45 -8.54 24.89
CA GLY A 406 -16.27 -9.97 25.03
C GLY A 406 -15.54 -10.37 26.30
N TYR A 407 -15.13 -11.65 26.40
CA TYR A 407 -14.44 -12.11 27.59
C TYR A 407 -13.21 -11.24 27.88
N ASN A 408 -12.32 -11.11 26.87
CA ASN A 408 -11.12 -10.28 26.87
C ASN A 408 -10.78 -9.88 25.44
N PHE A 409 -10.41 -8.61 25.25
CA PHE A 409 -10.01 -8.05 23.96
C PHE A 409 -8.80 -8.77 23.37
N TYR A 410 -7.94 -9.31 24.26
CA TYR A 410 -6.76 -10.02 23.84
C TYR A 410 -7.06 -11.44 23.37
N GLN A 411 -8.15 -12.02 23.89
CA GLN A 411 -8.67 -13.32 23.49
C GLN A 411 -9.39 -13.14 22.13
N SER A 412 -10.24 -12.10 22.03
CA SER A 412 -10.97 -11.76 20.83
C SER A 412 -11.07 -10.24 20.72
N LYS A 413 -10.53 -9.67 19.64
CA LYS A 413 -10.59 -8.22 19.39
C LYS A 413 -12.05 -7.74 19.14
N PHE A 414 -12.87 -8.60 18.47
CA PHE A 414 -14.28 -8.45 18.10
C PHE A 414 -15.10 -7.90 19.25
N ASN A 415 -15.90 -6.86 18.98
CA ASN A 415 -16.73 -6.19 19.98
C ASN A 415 -18.21 -6.53 19.80
N ARG A 416 -18.71 -7.44 20.66
CA ARG A 416 -20.08 -7.92 20.59
C ARG A 416 -21.16 -6.88 20.91
N ALA A 417 -20.79 -5.80 21.63
CA ALA A 417 -21.73 -4.72 21.96
C ALA A 417 -22.10 -3.92 20.71
N LEU A 418 -21.17 -3.82 19.74
CA LEU A 418 -21.31 -3.03 18.51
C LEU A 418 -21.46 -3.82 17.25
N GLN A 419 -21.00 -5.09 17.23
CA GLN A 419 -20.96 -5.92 16.03
C GLN A 419 -21.70 -7.25 16.16
N GLY A 420 -22.04 -7.65 17.39
CA GLY A 420 -22.70 -8.92 17.67
C GLY A 420 -24.20 -9.02 17.44
N TRP A 421 -24.64 -9.25 16.19
CA TRP A 421 -26.03 -9.44 15.78
C TRP A 421 -26.60 -10.77 16.31
N ARG A 422 -27.56 -10.69 17.26
CA ARG A 422 -28.21 -11.82 17.93
C ARG A 422 -29.69 -11.56 18.11
N GLN A 423 -30.49 -12.60 18.33
CA GLN A 423 -31.92 -12.39 18.58
C GLN A 423 -32.16 -11.95 20.04
N PRO A 424 -33.03 -10.95 20.31
CA PRO A 424 -33.23 -10.50 21.69
C PRO A 424 -34.22 -11.30 22.55
N GLY A 425 -35.08 -12.09 21.91
CA GLY A 425 -36.11 -12.89 22.59
C GLY A 425 -37.06 -12.02 23.40
N SER A 426 -37.32 -12.42 24.64
CA SER A 426 -38.22 -11.72 25.56
C SER A 426 -37.87 -10.28 25.90
N THR A 427 -36.61 -9.86 25.65
CA THR A 427 -36.11 -8.49 25.90
C THR A 427 -36.80 -7.45 25.00
N ILE A 428 -37.44 -7.91 23.90
CA ILE A 428 -38.18 -7.10 22.93
C ILE A 428 -39.61 -6.86 23.45
N LYS A 429 -40.14 -7.80 24.31
CA LYS A 429 -41.51 -7.74 24.82
C LYS A 429 -41.88 -6.40 25.44
N PRO A 430 -41.05 -5.79 26.34
CA PRO A 430 -41.45 -4.48 26.89
C PRO A 430 -41.79 -3.43 25.84
N PHE A 431 -41.17 -3.43 24.66
CA PHE A 431 -41.51 -2.50 23.57
C PHE A 431 -42.91 -2.71 23.01
N LEU A 432 -43.29 -3.96 22.70
CA LEU A 432 -44.57 -4.35 22.16
C LEU A 432 -45.68 -4.11 23.17
N TYR A 433 -45.45 -4.53 24.45
CA TYR A 433 -46.41 -4.36 25.55
C TYR A 433 -46.62 -2.85 25.85
N ALA A 434 -45.57 -2.01 25.66
CA ALA A 434 -45.62 -0.54 25.82
C ALA A 434 -46.62 0.06 24.81
N LEU A 435 -46.57 -0.37 23.53
CA LEU A 435 -47.53 0.02 22.49
C LEU A 435 -48.97 -0.33 22.86
N ALA A 436 -49.17 -1.49 23.51
CA ALA A 436 -50.49 -1.94 23.94
C ALA A 436 -51.00 -0.95 24.98
N LEU A 437 -50.10 -0.36 25.81
CA LEU A 437 -50.49 0.67 26.79
C LEU A 437 -50.84 1.96 26.08
N GLU A 438 -50.15 2.28 24.93
CA GLU A 438 -50.47 3.48 24.13
C GLU A 438 -51.90 3.42 23.64
N ARG A 439 -52.36 2.20 23.27
CA ARG A 439 -53.70 1.97 22.77
C ARG A 439 -54.82 2.06 23.84
N GLY A 440 -54.43 2.24 25.11
CA GLY A 440 -55.41 2.39 26.19
C GLY A 440 -55.50 1.24 27.18
N MET A 441 -54.65 0.22 27.01
CA MET A 441 -54.59 -0.91 27.95
C MET A 441 -53.82 -0.49 29.22
N THR A 442 -54.04 -1.20 30.34
CA THR A 442 -53.36 -0.88 31.60
C THR A 442 -52.53 -2.11 31.97
N PRO A 443 -51.55 -2.03 32.91
CA PRO A 443 -50.81 -3.24 33.31
C PRO A 443 -51.74 -4.35 33.81
N TYR A 444 -52.98 -3.99 34.23
CA TYR A 444 -53.98 -4.88 34.82
C TYR A 444 -54.97 -5.44 33.86
N SER A 445 -55.07 -4.86 32.66
CA SER A 445 -55.95 -5.33 31.57
C SER A 445 -55.78 -6.83 31.36
N MET A 446 -56.91 -7.57 31.30
CA MET A 446 -56.90 -9.02 31.07
C MET A 446 -56.52 -9.32 29.63
N VAL A 447 -55.54 -10.21 29.45
CA VAL A 447 -55.05 -10.68 28.16
C VAL A 447 -55.22 -12.22 28.10
N ASN A 448 -55.46 -12.73 26.89
CA ASN A 448 -55.73 -14.14 26.67
C ASN A 448 -54.49 -15.02 26.31
N ASP A 449 -54.10 -15.90 27.25
CA ASP A 449 -53.01 -16.86 27.10
C ASP A 449 -53.66 -18.24 26.81
N SER A 450 -54.01 -18.47 25.54
CA SER A 450 -54.68 -19.68 25.01
C SER A 450 -54.00 -20.06 23.68
N PRO A 451 -54.19 -21.29 23.13
CA PRO A 451 -53.53 -21.62 21.84
C PRO A 451 -53.97 -20.70 20.69
N ILE A 452 -53.01 -20.33 19.79
CA ILE A 452 -53.27 -19.43 18.66
C ILE A 452 -52.58 -19.90 17.40
N THR A 453 -53.26 -19.68 16.28
CA THR A 453 -52.80 -20.06 14.94
C THR A 453 -52.82 -18.83 14.06
N ILE A 454 -51.64 -18.47 13.55
CA ILE A 454 -51.48 -17.36 12.64
C ILE A 454 -51.20 -17.98 11.29
N GLY A 455 -52.29 -18.12 10.53
CA GLY A 455 -52.30 -18.77 9.24
C GLY A 455 -51.79 -20.18 9.35
N LYS A 456 -50.48 -20.36 9.04
CA LYS A 456 -49.77 -21.63 9.09
C LYS A 456 -49.09 -21.88 10.43
N TRP A 457 -48.48 -20.81 11.03
CA TRP A 457 -47.72 -20.82 12.29
C TRP A 457 -48.57 -20.88 13.56
N THR A 458 -48.13 -21.72 14.52
CA THR A 458 -48.79 -21.88 15.83
C THR A 458 -47.75 -21.64 16.96
N PRO A 459 -47.73 -20.41 17.56
CA PRO A 459 -46.77 -20.14 18.64
C PRO A 459 -47.15 -20.87 19.92
N LYS A 460 -46.15 -21.50 20.53
CA LYS A 460 -46.35 -22.24 21.77
C LYS A 460 -45.60 -21.53 22.89
N ASN A 461 -46.07 -21.70 24.13
CA ASN A 461 -45.42 -21.10 25.28
C ASN A 461 -44.28 -22.01 25.73
N SER A 462 -43.23 -21.39 26.33
CA SER A 462 -42.00 -22.03 26.84
C SER A 462 -42.23 -23.35 27.59
N ASP A 463 -43.17 -23.34 28.57
CA ASP A 463 -43.53 -24.45 29.43
C ASP A 463 -44.67 -25.32 28.87
N GLY A 464 -45.09 -25.02 27.63
CA GLY A 464 -46.20 -25.70 26.96
C GLY A 464 -47.50 -25.61 27.77
N ARG A 465 -47.66 -24.50 28.52
CA ARG A 465 -48.80 -24.22 29.39
C ARG A 465 -49.53 -22.98 28.91
N TYR A 466 -50.81 -22.90 29.23
CA TYR A 466 -51.70 -21.79 28.89
C TYR A 466 -52.43 -21.38 30.14
N LEU A 467 -52.22 -20.12 30.56
CA LEU A 467 -52.73 -19.57 31.81
C LEU A 467 -54.11 -18.91 31.71
N GLY A 468 -54.68 -18.89 30.49
CA GLY A 468 -55.97 -18.27 30.21
C GLY A 468 -55.96 -16.76 30.34
N MET A 469 -57.05 -16.19 30.87
CA MET A 469 -57.13 -14.75 31.07
C MET A 469 -56.23 -14.34 32.24
N ILE A 470 -55.19 -13.54 31.93
CA ILE A 470 -54.24 -13.04 32.94
C ILE A 470 -53.99 -11.55 32.75
N PRO A 471 -53.54 -10.79 33.80
CA PRO A 471 -53.22 -9.36 33.58
C PRO A 471 -52.02 -9.18 32.64
N LEU A 472 -52.03 -8.10 31.83
CA LEU A 472 -50.99 -7.74 30.87
C LEU A 472 -49.59 -7.80 31.52
N ARG A 473 -49.43 -7.27 32.73
CA ARG A 473 -48.16 -7.27 33.46
C ARG A 473 -47.66 -8.69 33.84
N ARG A 474 -48.56 -9.64 34.11
CA ARG A 474 -48.19 -11.00 34.46
C ARG A 474 -47.74 -11.72 33.17
N ALA A 475 -48.45 -11.44 32.04
CA ALA A 475 -48.15 -11.97 30.71
C ALA A 475 -46.71 -11.58 30.29
N LEU A 476 -46.31 -10.35 30.60
CA LEU A 476 -44.98 -9.83 30.35
C LEU A 476 -43.94 -10.46 31.27
N TYR A 477 -44.22 -10.51 32.58
CA TYR A 477 -43.31 -11.09 33.56
C TYR A 477 -43.00 -12.54 33.21
N LEU A 478 -44.03 -13.33 32.86
CA LEU A 478 -43.86 -14.74 32.52
C LEU A 478 -43.54 -14.99 31.04
N SER A 479 -43.35 -13.90 30.26
CA SER A 479 -43.02 -13.88 28.83
C SER A 479 -43.90 -14.85 28.00
N ARG A 480 -45.25 -14.71 28.09
CA ARG A 480 -46.21 -15.55 27.38
C ARG A 480 -46.27 -15.20 25.89
N ASN A 481 -45.69 -16.08 25.04
CA ASN A 481 -45.62 -15.93 23.59
C ASN A 481 -46.96 -15.80 22.88
N THR A 482 -48.02 -16.48 23.38
CA THR A 482 -49.35 -16.37 22.76
C THR A 482 -50.00 -15.00 23.04
N VAL A 483 -49.69 -14.42 24.21
CA VAL A 483 -50.20 -13.10 24.55
C VAL A 483 -49.55 -12.05 23.65
N SER A 484 -48.21 -12.18 23.43
CA SER A 484 -47.43 -11.30 22.60
C SER A 484 -47.98 -11.20 21.19
N VAL A 485 -48.23 -12.38 20.57
CA VAL A 485 -48.81 -12.52 19.22
C VAL A 485 -50.20 -11.88 19.22
N ARG A 486 -50.99 -12.14 20.27
CA ARG A 486 -52.32 -11.52 20.35
C ARG A 486 -52.23 -9.98 20.45
N LEU A 487 -51.23 -9.45 21.20
CA LEU A 487 -51.01 -8.00 21.34
C LEU A 487 -50.52 -7.39 20.03
N LEU A 488 -49.67 -8.14 19.30
CA LEU A 488 -49.16 -7.71 18.01
C LEU A 488 -50.34 -7.51 17.03
N GLN A 489 -51.36 -8.40 17.10
CA GLN A 489 -52.57 -8.31 16.26
C GLN A 489 -53.38 -7.09 16.65
N THR A 490 -53.46 -6.80 17.95
CA THR A 490 -54.16 -5.62 18.49
C THR A 490 -53.44 -4.31 18.03
N VAL A 491 -52.10 -4.27 18.17
CA VAL A 491 -51.21 -3.14 17.90
C VAL A 491 -50.96 -2.93 16.40
N GLY A 492 -50.77 -4.05 15.71
CA GLY A 492 -50.48 -4.05 14.28
C GLY A 492 -48.98 -4.15 14.09
N ILE A 493 -48.56 -5.00 13.15
CA ILE A 493 -47.14 -5.25 12.82
C ILE A 493 -46.36 -3.95 12.54
N GLU A 494 -46.87 -3.11 11.63
CA GLU A 494 -46.24 -1.86 11.21
C GLU A 494 -45.99 -0.85 12.32
N ARG A 495 -46.96 -0.63 13.19
CA ARG A 495 -46.77 0.30 14.32
C ARG A 495 -45.58 -0.16 15.17
N THR A 496 -45.50 -1.49 15.39
CA THR A 496 -44.46 -2.19 16.13
C THR A 496 -43.14 -2.02 15.41
N ARG A 497 -43.09 -2.31 14.10
CA ARG A 497 -41.88 -2.17 13.27
C ARG A 497 -41.35 -0.74 13.30
N GLN A 498 -42.27 0.25 13.22
CA GLN A 498 -41.96 1.67 13.32
C GLN A 498 -41.27 1.94 14.67
N LEU A 499 -41.84 1.44 15.80
CA LEU A 499 -41.23 1.63 17.13
C LEU A 499 -39.83 1.03 17.23
N PHE A 500 -39.65 -0.23 16.75
CA PHE A 500 -38.36 -0.92 16.76
C PHE A 500 -37.33 -0.07 16.07
N MET A 501 -37.68 0.46 14.87
CA MET A 501 -36.85 1.34 14.06
C MET A 501 -36.58 2.65 14.77
N ASP A 502 -37.59 3.16 15.51
CA ASP A 502 -37.51 4.42 16.25
C ASP A 502 -36.44 4.44 17.28
N PHE A 503 -36.19 3.30 17.96
CA PHE A 503 -35.11 3.23 18.93
C PHE A 503 -33.78 2.61 18.40
N GLY A 504 -33.57 2.70 17.11
CA GLY A 504 -32.31 2.19 16.55
C GLY A 504 -32.33 0.89 15.79
N LEU A 505 -33.36 0.01 15.99
CA LEU A 505 -33.39 -1.25 15.21
C LEU A 505 -33.40 -1.04 13.69
N GLN A 506 -32.68 -1.92 12.99
CA GLN A 506 -32.45 -1.90 11.55
C GLN A 506 -33.64 -2.45 10.76
N GLU A 507 -34.22 -1.63 9.83
CA GLU A 507 -35.38 -1.99 8.98
C GLU A 507 -35.27 -3.39 8.36
N ASP A 508 -34.09 -3.69 7.77
CA ASP A 508 -33.74 -4.94 7.12
C ASP A 508 -33.75 -6.12 8.07
N GLN A 509 -33.47 -5.87 9.37
CA GLN A 509 -33.39 -6.92 10.39
C GLN A 509 -34.75 -7.19 11.05
N ILE A 510 -35.78 -6.39 10.71
CA ILE A 510 -37.12 -6.54 11.28
C ILE A 510 -38.10 -7.14 10.26
N PRO A 511 -38.43 -8.44 10.40
CA PRO A 511 -39.39 -9.07 9.48
C PRO A 511 -40.78 -8.44 9.49
N ARG A 512 -41.53 -8.61 8.37
CA ARG A 512 -42.92 -8.14 8.24
C ARG A 512 -43.88 -9.30 8.54
N ASN A 513 -43.66 -9.98 9.70
CA ASN A 513 -44.46 -11.09 10.18
C ASN A 513 -44.71 -11.04 11.69
N TYR A 514 -45.53 -11.99 12.20
CA TYR A 514 -45.92 -12.11 13.59
C TYR A 514 -44.86 -12.69 14.54
N THR A 515 -43.76 -13.26 14.02
CA THR A 515 -42.72 -13.80 14.90
C THR A 515 -41.90 -12.70 15.61
N ILE A 516 -42.02 -11.43 15.15
CA ILE A 516 -41.29 -10.29 15.74
C ILE A 516 -41.68 -10.04 17.22
N ALA A 517 -42.91 -10.44 17.58
CA ALA A 517 -43.52 -10.41 18.92
C ALA A 517 -42.73 -11.33 19.84
N LEU A 518 -42.06 -12.34 19.29
CA LEU A 518 -41.26 -13.28 20.09
C LEU A 518 -39.77 -12.88 20.20
N GLY A 519 -39.32 -11.84 19.50
CA GLY A 519 -37.93 -11.38 19.57
C GLY A 519 -36.97 -12.05 18.59
N THR A 520 -37.50 -12.30 17.37
CA THR A 520 -36.83 -12.92 16.22
C THR A 520 -35.93 -11.95 15.45
N PRO A 521 -36.23 -10.62 15.36
CA PRO A 521 -35.28 -9.70 14.71
C PRO A 521 -33.86 -9.78 15.26
N GLN A 522 -32.84 -9.72 14.40
CA GLN A 522 -31.42 -9.74 14.84
C GLN A 522 -31.11 -8.32 15.30
N VAL A 523 -30.52 -8.17 16.49
CA VAL A 523 -30.22 -6.84 17.07
C VAL A 523 -28.79 -6.76 17.60
N LEU A 524 -28.34 -5.52 17.86
CA LEU A 524 -27.06 -5.30 18.50
C LEU A 524 -27.37 -4.93 19.95
N PRO A 525 -26.56 -5.34 20.94
CA PRO A 525 -26.82 -4.92 22.33
C PRO A 525 -26.91 -3.40 22.53
N ILE A 526 -26.11 -2.62 21.77
CA ILE A 526 -26.16 -1.16 21.81
C ILE A 526 -27.54 -0.60 21.43
N GLN A 527 -28.23 -1.26 20.48
CA GLN A 527 -29.58 -0.91 20.01
C GLN A 527 -30.61 -1.18 21.08
N MET A 528 -30.43 -2.29 21.84
CA MET A 528 -31.30 -2.66 22.96
C MET A 528 -31.16 -1.65 24.10
N ALA A 529 -29.93 -1.17 24.37
CA ALA A 529 -29.62 -0.17 25.37
C ALA A 529 -30.35 1.13 25.01
N THR A 530 -30.29 1.53 23.74
CA THR A 530 -30.96 2.72 23.20
C THR A 530 -32.47 2.59 23.40
N GLY A 531 -32.97 1.37 23.22
CA GLY A 531 -34.37 1.02 23.38
C GLY A 531 -34.82 1.23 24.81
N TYR A 532 -34.13 0.55 25.75
CA TYR A 532 -34.44 0.61 27.17
C TYR A 532 -34.32 2.02 27.77
N ALA A 533 -33.51 2.88 27.16
CA ALA A 533 -33.35 4.29 27.55
C ALA A 533 -34.67 5.07 27.41
N THR A 534 -35.54 4.68 26.45
CA THR A 534 -36.88 5.27 26.21
C THR A 534 -37.76 5.15 27.47
N PHE A 535 -37.64 4.02 28.20
CA PHE A 535 -38.35 3.78 29.44
C PHE A 535 -37.74 4.65 30.56
N ALA A 536 -36.41 4.66 30.70
CA ALA A 536 -35.67 5.41 31.74
C ALA A 536 -35.81 6.93 31.61
N ASN A 537 -35.99 7.42 30.38
CA ASN A 537 -36.06 8.86 30.11
C ASN A 537 -37.44 9.44 29.95
N GLY A 538 -38.47 8.59 29.88
CA GLY A 538 -39.85 9.03 29.75
C GLY A 538 -40.42 9.11 28.36
N GLY A 539 -39.88 8.31 27.44
CA GLY A 539 -40.40 8.17 26.08
C GLY A 539 -39.65 8.82 24.93
N TYR A 540 -38.36 9.12 25.12
CA TYR A 540 -37.54 9.82 24.14
C TYR A 540 -36.54 8.97 23.40
N ARG A 541 -36.22 9.37 22.14
CA ARG A 541 -35.15 8.71 21.39
C ARG A 541 -33.83 9.45 21.57
N VAL A 542 -32.85 8.77 22.17
CA VAL A 542 -31.49 9.28 22.32
C VAL A 542 -30.56 8.51 21.37
N GLN A 543 -29.43 9.13 20.98
CA GLN A 543 -28.45 8.46 20.09
C GLN A 543 -27.25 8.10 20.91
N PRO A 544 -26.84 6.83 20.93
CA PRO A 544 -25.60 6.48 21.64
C PRO A 544 -24.37 7.17 21.03
N HIS A 545 -23.51 7.70 21.89
CA HIS A 545 -22.31 8.40 21.46
C HIS A 545 -21.16 8.21 22.41
N PHE A 546 -19.92 8.12 21.89
CA PHE A 546 -18.73 7.97 22.72
C PHE A 546 -17.79 9.18 22.74
N ILE A 547 -17.98 10.17 21.85
CA ILE A 547 -17.12 11.36 21.81
C ILE A 547 -17.78 12.57 22.47
N GLN A 548 -17.09 13.14 23.47
CA GLN A 548 -17.56 14.34 24.16
C GLN A 548 -16.99 15.55 23.40
N ARG A 549 -15.67 15.51 23.16
CA ARG A 549 -14.98 16.55 22.43
C ARG A 549 -13.69 16.02 21.81
N ILE A 550 -13.19 16.74 20.79
CA ILE A 550 -11.92 16.43 20.12
C ILE A 550 -11.13 17.71 20.11
N GLU A 551 -9.86 17.63 20.52
CA GLU A 551 -8.90 18.73 20.52
C GLU A 551 -7.80 18.40 19.50
N ASP A 552 -7.23 19.42 18.86
CA ASP A 552 -6.08 19.18 17.97
C ASP A 552 -4.81 19.06 18.84
N ALA A 553 -3.66 18.75 18.23
CA ALA A 553 -2.39 18.64 18.97
C ALA A 553 -2.01 19.96 19.67
N TYR A 554 -2.42 21.09 19.08
CA TYR A 554 -2.14 22.45 19.56
C TYR A 554 -3.06 22.97 20.68
N GLY A 555 -4.04 22.14 21.09
CA GLY A 555 -4.96 22.47 22.18
C GLY A 555 -6.32 23.04 21.83
N LYS A 556 -6.57 23.31 20.53
CA LYS A 556 -7.84 23.86 20.06
C LYS A 556 -8.97 22.81 20.03
N VAL A 557 -10.15 23.19 20.53
CA VAL A 557 -11.33 22.34 20.49
C VAL A 557 -11.88 22.42 19.05
N ILE A 558 -11.82 21.29 18.35
CA ILE A 558 -12.25 21.19 16.95
C ILE A 558 -13.61 20.51 16.80
N TYR A 559 -14.06 19.81 17.86
CA TYR A 559 -15.36 19.14 17.89
C TYR A 559 -15.90 19.13 19.32
N GLU A 560 -17.16 19.52 19.49
CA GLU A 560 -17.87 19.44 20.77
C GLU A 560 -19.17 18.69 20.47
N ALA A 561 -19.49 17.66 21.28
CA ALA A 561 -20.71 16.89 21.08
C ALA A 561 -21.93 17.76 21.32
N LYS A 562 -22.92 17.67 20.42
CA LYS A 562 -24.18 18.39 20.52
C LYS A 562 -25.28 17.33 20.49
N PRO A 563 -25.44 16.52 21.57
CA PRO A 563 -26.41 15.42 21.50
C PRO A 563 -27.84 15.82 21.76
N GLU A 564 -28.76 14.94 21.36
CA GLU A 564 -30.19 15.09 21.57
C GLU A 564 -30.48 14.70 23.02
N TYR A 565 -30.98 15.66 23.82
CA TYR A 565 -31.28 15.42 25.24
C TYR A 565 -32.74 15.11 25.45
N ALA A 566 -33.03 14.09 26.29
CA ALA A 566 -34.39 13.69 26.61
C ALA A 566 -34.99 14.81 27.46
N CYS A 567 -34.25 15.23 28.50
CA CYS A 567 -34.60 16.29 29.42
C CYS A 567 -33.47 17.33 29.54
N ILE A 568 -33.69 18.50 28.94
CA ILE A 568 -32.75 19.63 28.96
C ILE A 568 -32.60 20.22 30.39
N PRO A 569 -33.68 20.55 31.15
CA PRO A 569 -33.46 21.05 32.53
C PRO A 569 -32.66 20.09 33.42
N CYS A 570 -32.75 18.77 33.14
CA CYS A 570 -32.09 17.66 33.84
C CYS A 570 -30.56 17.69 33.79
N ILE A 571 -29.97 18.33 32.75
CA ILE A 571 -28.50 18.42 32.58
C ILE A 571 -27.89 19.20 33.76
N GLN A 618 -28.38 24.48 20.41
CA GLN A 618 -27.99 24.21 21.79
C GLN A 618 -29.03 24.71 22.84
N TYR A 619 -29.63 23.80 23.63
CA TYR A 619 -29.42 22.35 23.63
C TYR A 619 -30.44 21.66 22.74
N ARG A 620 -30.00 20.63 21.97
CA ARG A 620 -30.87 19.84 21.09
C ARG A 620 -31.85 18.98 21.93
N GLN A 621 -33.18 19.04 21.64
CA GLN A 621 -34.22 18.26 22.33
C GLN A 621 -34.45 16.97 21.55
N ALA A 622 -34.45 15.83 22.26
CA ALA A 622 -34.66 14.54 21.62
C ALA A 622 -36.12 14.40 21.22
N GLN A 623 -36.39 13.62 20.15
CA GLN A 623 -37.75 13.31 19.68
C GLN A 623 -38.45 12.28 20.58
N ARG A 624 -39.69 12.54 20.92
CA ARG A 624 -40.53 11.63 21.71
C ARG A 624 -41.02 10.50 20.77
N ILE A 625 -40.72 9.23 21.10
CA ILE A 625 -41.11 8.05 20.28
C ILE A 625 -42.21 7.21 20.94
N LEU A 626 -42.54 7.53 22.20
CA LEU A 626 -43.50 6.83 23.04
C LEU A 626 -44.16 7.82 24.02
N LYS A 627 -45.46 7.63 24.36
CA LYS A 627 -46.20 8.48 25.30
C LYS A 627 -45.57 8.42 26.70
N SER A 628 -45.48 9.57 27.37
CA SER A 628 -44.94 9.64 28.72
C SER A 628 -45.60 8.55 29.61
N SER A 629 -46.95 8.47 29.63
CA SER A 629 -47.66 7.48 30.44
C SER A 629 -47.31 6.02 30.07
N SER A 630 -47.06 5.75 28.77
CA SER A 630 -46.70 4.41 28.32
C SER A 630 -45.32 3.99 28.82
N ALA A 631 -44.35 4.92 28.72
CA ALA A 631 -42.96 4.74 29.13
C ALA A 631 -42.88 4.56 30.66
N TYR A 632 -43.62 5.41 31.39
CA TYR A 632 -43.70 5.40 32.86
C TYR A 632 -44.30 4.09 33.36
N ASP A 633 -45.42 3.67 32.76
CA ASP A 633 -46.08 2.44 33.15
C ASP A 633 -45.26 1.19 32.84
N MET A 634 -44.56 1.18 31.71
CA MET A 634 -43.67 0.08 31.39
C MET A 634 -42.47 0.08 32.35
N ALA A 635 -41.93 1.27 32.69
CA ALA A 635 -40.82 1.36 33.62
C ALA A 635 -41.18 0.72 34.99
N ASN A 636 -42.42 1.02 35.48
CA ASN A 636 -42.89 0.47 36.75
C ASN A 636 -43.22 -1.00 36.65
N ILE A 637 -43.64 -1.51 35.46
CA ILE A 637 -43.87 -2.96 35.31
C ILE A 637 -42.48 -3.62 35.48
N LEU A 638 -41.49 -3.09 34.75
CA LEU A 638 -40.10 -3.52 34.78
C LEU A 638 -39.49 -3.45 36.18
N ARG A 639 -39.85 -2.40 36.95
CA ARG A 639 -39.42 -2.24 38.35
C ARG A 639 -39.95 -3.38 39.18
N ASP A 640 -41.26 -3.71 39.04
CA ASP A 640 -41.95 -4.79 39.73
C ASP A 640 -41.30 -6.11 39.39
N VAL A 641 -41.11 -6.38 38.07
CA VAL A 641 -40.45 -7.56 37.55
C VAL A 641 -39.12 -7.75 38.32
N ILE A 642 -38.29 -6.71 38.40
CA ILE A 642 -37.00 -6.77 39.08
C ILE A 642 -37.06 -6.79 40.62
N GLU A 643 -38.03 -6.10 41.21
CA GLU A 643 -38.12 -6.05 42.66
C GLU A 643 -38.69 -7.35 43.23
N HIS A 644 -39.68 -7.95 42.54
CA HIS A 644 -40.44 -9.12 42.97
C HIS A 644 -40.31 -10.41 42.13
N GLY A 645 -39.39 -10.45 41.17
CA GLY A 645 -39.15 -11.63 40.33
C GLY A 645 -37.70 -11.80 39.90
N THR A 646 -36.84 -12.17 40.86
CA THR A 646 -35.39 -12.37 40.66
C THR A 646 -34.87 -13.49 41.55
N ILE A 653 -28.49 -6.13 45.45
CA ILE A 653 -28.45 -4.66 45.39
C ILE A 653 -29.48 -4.08 46.37
N GLY A 654 -29.10 -2.98 47.03
CA GLY A 654 -29.99 -2.27 47.95
C GLY A 654 -30.56 -1.05 47.27
N ARG A 655 -31.36 -1.25 46.20
CA ARG A 655 -31.91 -0.14 45.41
C ARG A 655 -33.34 -0.36 45.03
N SER A 656 -34.13 0.72 45.00
CA SER A 656 -35.58 0.71 44.66
C SER A 656 -35.91 1.53 43.37
N ASP A 657 -34.87 2.01 42.70
CA ASP A 657 -34.95 2.84 41.48
C ASP A 657 -34.54 2.04 40.22
N LEU A 658 -34.62 0.70 40.27
CA LEU A 658 -34.23 -0.19 39.19
C LEU A 658 -35.38 -0.97 38.58
N GLY A 659 -35.29 -1.13 37.25
CA GLY A 659 -36.21 -1.91 36.44
C GLY A 659 -35.45 -2.73 35.41
N GLY A 660 -36.01 -3.86 34.99
CA GLY A 660 -35.31 -4.67 34.01
C GLY A 660 -36.03 -5.90 33.51
N LYS A 661 -35.52 -6.48 32.43
CA LYS A 661 -36.11 -7.64 31.79
C LYS A 661 -35.05 -8.67 31.36
N THR A 662 -35.35 -9.96 31.62
CA THR A 662 -34.51 -11.09 31.22
C THR A 662 -35.00 -11.53 29.86
N GLY A 663 -34.13 -12.23 29.14
CA GLY A 663 -34.47 -12.83 27.88
C GLY A 663 -33.67 -14.05 27.55
N THR A 664 -34.28 -15.02 26.91
CA THR A 664 -33.63 -16.27 26.51
C THR A 664 -34.20 -16.72 25.20
N THR A 665 -33.37 -17.16 24.28
CA THR A 665 -33.87 -17.58 22.98
C THR A 665 -33.99 -19.08 22.88
N ASN A 666 -34.60 -19.51 21.80
CA ASN A 666 -34.87 -20.92 21.57
C ASN A 666 -33.63 -21.76 21.84
N ASP A 667 -33.81 -22.80 22.68
CA ASP A 667 -32.77 -23.75 23.08
C ASP A 667 -31.64 -23.05 23.85
N ALA A 668 -31.97 -21.96 24.57
CA ALA A 668 -31.06 -21.12 25.36
C ALA A 668 -29.78 -20.80 24.57
N LYS A 669 -29.95 -20.34 23.31
CA LYS A 669 -28.80 -19.99 22.47
C LYS A 669 -28.27 -18.60 22.84
N ASP A 670 -29.07 -17.82 23.60
CA ASP A 670 -28.76 -16.48 24.09
C ASP A 670 -29.36 -16.27 25.44
N ALA A 671 -28.62 -15.58 26.32
CA ALA A 671 -29.05 -15.17 27.66
C ALA A 671 -28.89 -13.63 27.76
N TRP A 672 -29.97 -12.89 28.07
CA TRP A 672 -29.97 -11.43 28.16
C TRP A 672 -30.52 -10.87 29.46
N PHE A 673 -30.02 -9.69 29.81
CA PHE A 673 -30.59 -8.84 30.85
C PHE A 673 -30.47 -7.38 30.44
N ALA A 674 -31.61 -6.71 30.25
CA ALA A 674 -31.67 -5.28 29.92
C ALA A 674 -32.36 -4.58 31.11
N GLY A 675 -31.65 -3.68 31.76
CA GLY A 675 -32.18 -3.00 32.91
C GLY A 675 -31.64 -1.59 33.07
N PHE A 676 -32.23 -0.79 33.97
CA PHE A 676 -31.87 0.61 34.12
C PHE A 676 -32.33 1.23 35.44
N ASN A 677 -31.86 2.45 35.67
CA ASN A 677 -32.32 3.42 36.64
C ASN A 677 -32.42 4.70 35.79
N GLY A 678 -32.83 5.81 36.38
CA GLY A 678 -33.00 7.06 35.63
C GLY A 678 -31.72 7.65 35.09
N LYS A 679 -30.54 7.18 35.58
CA LYS A 679 -29.21 7.70 35.20
C LYS A 679 -28.34 6.70 34.40
N LEU A 680 -28.75 5.44 34.32
CA LEU A 680 -27.91 4.44 33.66
C LEU A 680 -28.68 3.27 33.14
N VAL A 681 -28.43 2.88 31.86
CA VAL A 681 -29.02 1.72 31.19
C VAL A 681 -27.92 0.71 30.91
N THR A 682 -28.08 -0.54 31.34
CA THR A 682 -27.11 -1.60 31.11
C THR A 682 -27.76 -2.80 30.45
N VAL A 683 -27.12 -3.31 29.40
CA VAL A 683 -27.55 -4.50 28.69
C VAL A 683 -26.40 -5.48 28.75
N THR A 684 -26.66 -6.72 29.24
CA THR A 684 -25.68 -7.81 29.30
C THR A 684 -26.18 -8.96 28.43
N TRP A 685 -25.24 -9.68 27.82
CA TRP A 685 -25.53 -10.83 26.96
C TRP A 685 -24.50 -11.92 27.22
N VAL A 686 -24.93 -13.19 27.13
CA VAL A 686 -24.10 -14.38 27.26
C VAL A 686 -24.60 -15.36 26.16
N GLY A 687 -23.64 -16.02 25.51
CA GLY A 687 -23.89 -17.01 24.47
C GLY A 687 -22.62 -17.41 23.75
N PHE A 688 -22.72 -18.44 22.90
CA PHE A 688 -21.58 -18.89 22.08
C PHE A 688 -21.62 -18.16 20.74
N ASP A 689 -20.46 -17.75 20.21
CA ASP A 689 -20.34 -17.05 18.92
C ASP A 689 -21.04 -17.81 17.78
N GLN A 690 -20.89 -19.17 17.75
CA GLN A 690 -21.58 -20.08 16.82
C GLN A 690 -22.76 -20.55 17.67
N PRO A 691 -24.00 -20.04 17.40
CA PRO A 691 -25.15 -20.38 18.27
C PRO A 691 -25.34 -21.86 18.54
N THR A 692 -25.21 -22.21 19.84
CA THR A 692 -25.31 -23.54 20.43
C THR A 692 -25.99 -23.32 21.75
N THR A 693 -26.71 -24.33 22.24
CA THR A 693 -27.36 -24.26 23.56
C THR A 693 -26.37 -23.99 24.70
N LEU A 694 -26.87 -23.29 25.73
CA LEU A 694 -26.08 -22.96 26.90
C LEU A 694 -26.28 -24.00 27.99
N GLY A 695 -27.38 -24.75 27.88
CA GLY A 695 -27.82 -25.76 28.84
C GLY A 695 -29.29 -25.55 29.17
N ARG A 696 -29.99 -26.63 29.60
CA ARG A 696 -31.41 -26.62 29.98
C ARG A 696 -31.68 -25.57 31.05
N ARG A 697 -30.86 -25.57 32.12
CA ARG A 697 -30.95 -24.67 33.27
C ARG A 697 -30.54 -23.23 32.95
N GLU A 698 -29.61 -23.04 32.01
CA GLU A 698 -29.04 -21.75 31.66
C GLU A 698 -29.99 -20.76 31.05
N TYR A 699 -30.50 -19.83 31.87
CA TYR A 699 -31.48 -18.84 31.43
C TYR A 699 -31.02 -17.42 31.63
N GLY A 700 -31.80 -16.47 31.10
CA GLY A 700 -31.66 -15.02 31.20
C GLY A 700 -30.49 -14.42 31.99
N GLY A 701 -30.35 -14.66 33.29
CA GLY A 701 -31.16 -15.53 34.12
C GLY A 701 -30.88 -15.27 35.58
N ILE A 702 -29.97 -16.00 36.28
CA ILE A 702 -29.07 -17.15 36.00
C ILE A 702 -27.79 -16.88 35.18
N ALA A 703 -27.84 -16.62 33.85
CA ALA A 703 -26.59 -16.45 33.09
C ALA A 703 -26.09 -15.00 32.85
N ALA A 704 -26.93 -14.13 32.26
CA ALA A 704 -26.62 -12.71 31.99
C ALA A 704 -26.95 -11.79 33.18
N LEU A 705 -28.01 -12.11 33.99
CA LEU A 705 -28.45 -11.30 35.15
C LEU A 705 -27.38 -11.08 36.24
N PRO A 706 -26.65 -12.12 36.72
CA PRO A 706 -25.58 -11.88 37.71
C PRO A 706 -24.55 -10.82 37.25
N ILE A 707 -24.18 -10.78 35.93
CA ILE A 707 -23.25 -9.77 35.37
C ILE A 707 -23.82 -8.36 35.58
N TRP A 708 -25.10 -8.18 35.18
CA TRP A 708 -25.86 -6.94 35.31
C TRP A 708 -25.89 -6.43 36.76
N ILE A 709 -26.30 -7.32 37.71
CA ILE A 709 -26.37 -7.05 39.14
C ILE A 709 -25.04 -6.57 39.68
N ASN A 710 -23.98 -7.33 39.41
CA ASN A 710 -22.62 -7.01 39.83
C ASN A 710 -22.19 -5.62 39.33
N PHE A 711 -22.40 -5.35 38.03
CA PHE A 711 -22.04 -4.05 37.46
C PHE A 711 -22.89 -2.93 38.10
N MET A 712 -24.25 -3.04 38.00
CA MET A 712 -25.17 -2.03 38.50
C MET A 712 -24.99 -1.69 39.97
N GLY A 713 -24.88 -2.74 40.80
CA GLY A 713 -24.66 -2.60 42.23
C GLY A 713 -23.44 -1.75 42.53
N GLN A 714 -22.35 -2.03 41.84
CA GLN A 714 -21.11 -1.31 42.04
C GLN A 714 -21.08 0.06 41.38
N ALA A 715 -21.55 0.17 40.10
CA ALA A 715 -21.60 1.43 39.35
C ALA A 715 -22.51 2.47 40.01
N LEU A 716 -23.61 2.02 40.64
CA LEU A 716 -24.58 2.90 41.31
C LEU A 716 -24.36 3.10 42.81
N GLN A 717 -23.42 2.33 43.42
CA GLN A 717 -23.04 2.44 44.83
C GLN A 717 -22.69 3.90 45.17
N GLY A 718 -23.39 4.46 46.14
CA GLY A 718 -23.20 5.85 46.56
C GLY A 718 -23.82 6.93 45.69
N THR A 719 -24.89 6.60 44.97
CA THR A 719 -25.63 7.56 44.15
C THR A 719 -27.09 7.57 44.64
N PRO A 720 -27.75 8.75 44.72
CA PRO A 720 -29.16 8.76 45.18
C PRO A 720 -30.11 8.05 44.24
N ALA A 721 -31.33 7.76 44.71
CA ALA A 721 -32.39 7.13 43.92
C ALA A 721 -32.67 8.00 42.69
N ALA A 722 -32.79 7.34 41.51
CA ALA A 722 -33.05 8.03 40.24
C ALA A 722 -34.06 7.25 39.45
N TRP A 723 -35.26 7.80 39.30
CA TRP A 723 -36.33 7.16 38.55
C TRP A 723 -36.84 8.03 37.41
N VAL A 724 -37.73 7.49 36.58
CA VAL A 724 -38.32 8.18 35.45
C VAL A 724 -39.32 9.32 35.90
N ARG A 725 -39.78 10.21 34.98
CA ARG A 725 -40.70 11.32 35.29
C ARG A 725 -41.93 11.33 34.39
N LEU A 726 -43.13 11.46 34.99
CA LEU A 726 -44.40 11.50 34.26
C LEU A 726 -44.75 12.94 33.82
N GLU A 727 -45.01 13.13 32.51
CA GLU A 727 -45.32 14.43 31.89
C GLU A 727 -46.56 14.35 30.94
N LYS A 728 -47.74 13.88 31.48
CA LYS A 728 -49.02 13.67 30.76
C LYS A 728 -49.29 14.68 29.64
N LYS B 19 2.12 21.37 -5.90
CA LYS B 19 3.54 21.60 -6.24
C LYS B 19 4.15 20.29 -6.81
N PRO B 20 4.13 20.09 -8.16
CA PRO B 20 4.71 18.85 -8.71
C PRO B 20 6.23 18.88 -8.79
N LEU B 21 6.84 17.71 -9.05
CA LEU B 21 8.27 17.62 -9.29
C LEU B 21 8.49 18.18 -10.71
N GLN B 22 9.26 19.24 -10.81
CA GLN B 22 9.55 19.89 -12.09
C GLN B 22 10.92 19.55 -12.69
N VAL B 23 10.93 19.23 -13.99
CA VAL B 23 12.17 18.90 -14.70
C VAL B 23 12.54 19.96 -15.73
N TYR B 24 13.78 20.48 -15.64
CA TYR B 24 14.31 21.46 -16.57
C TYR B 24 15.54 20.98 -17.23
N THR B 25 15.78 21.47 -18.44
CA THR B 25 17.01 21.22 -19.18
C THR B 25 17.99 22.28 -18.68
N ALA B 26 19.22 22.23 -19.21
CA ALA B 26 20.27 23.12 -18.84
C ALA B 26 20.13 24.50 -19.51
N ASP B 27 19.15 24.62 -20.39
CA ASP B 27 18.86 25.87 -21.12
C ASP B 27 17.58 26.46 -20.54
N ASN B 28 17.22 26.06 -19.32
CA ASN B 28 16.09 26.63 -18.58
C ASN B 28 14.69 26.27 -19.12
N GLN B 29 14.61 25.30 -20.04
CA GLN B 29 13.33 24.86 -20.59
C GLN B 29 12.63 23.84 -19.63
N LEU B 30 11.36 24.09 -19.26
CA LEU B 30 10.58 23.11 -18.48
C LEU B 30 10.16 21.97 -19.44
N ILE B 31 10.67 20.77 -19.21
CA ILE B 31 10.39 19.63 -20.07
C ILE B 31 9.40 18.62 -19.49
N ALA B 32 9.34 18.47 -18.15
CA ALA B 32 8.43 17.52 -17.53
C ALA B 32 7.97 17.97 -16.15
N GLU B 33 6.78 17.44 -15.72
CA GLU B 33 6.12 17.66 -14.43
C GLU B 33 5.57 16.35 -13.87
N TYR B 34 5.97 16.02 -12.64
CA TYR B 34 5.58 14.79 -11.97
C TYR B 34 4.78 15.08 -10.73
N GLY B 35 3.49 14.81 -10.81
CA GLY B 35 2.56 15.00 -9.70
C GLY B 35 2.64 13.83 -8.73
N GLY B 36 2.71 14.14 -7.44
CA GLY B 36 2.72 13.13 -6.38
C GLY B 36 1.42 13.13 -5.61
N LYS B 37 1.51 13.08 -4.27
CA LYS B 37 0.37 13.13 -3.33
C LYS B 37 -0.35 14.44 -3.56
N LEU B 38 -1.68 14.38 -3.80
CA LEU B 38 -2.49 15.55 -4.13
C LEU B 38 -3.58 15.77 -3.10
N SER B 39 -3.71 17.03 -2.65
CA SER B 39 -4.72 17.49 -1.70
C SER B 39 -5.23 18.83 -2.16
N ILE B 40 -6.53 18.92 -2.49
CA ILE B 40 -7.15 20.17 -2.92
C ILE B 40 -8.18 20.53 -1.83
N PRO B 41 -7.79 21.27 -0.77
CA PRO B 41 -8.75 21.59 0.29
C PRO B 41 -9.95 22.39 -0.22
N VAL B 42 -11.15 22.04 0.26
CA VAL B 42 -12.41 22.68 -0.09
C VAL B 42 -13.11 23.15 1.18
N GLU B 43 -13.85 24.28 1.10
CA GLU B 43 -14.61 24.76 2.24
C GLU B 43 -15.82 23.85 2.37
N TYR B 44 -16.21 23.48 3.60
CA TYR B 44 -17.33 22.57 3.83
C TYR B 44 -18.60 22.92 3.10
N LYS B 45 -18.98 24.22 3.13
CA LYS B 45 -20.16 24.75 2.44
C LYS B 45 -20.14 24.58 0.91
N GLN B 46 -18.97 24.28 0.33
CA GLN B 46 -18.82 24.09 -1.12
C GLN B 46 -19.08 22.63 -1.55
N ILE B 47 -19.23 21.71 -0.57
CA ILE B 47 -19.41 20.28 -0.84
C ILE B 47 -20.86 19.98 -1.21
N PRO B 48 -21.12 19.26 -2.33
CA PRO B 48 -22.51 18.91 -2.65
C PRO B 48 -23.16 18.08 -1.54
N PRO B 49 -24.40 18.42 -1.13
CA PRO B 49 -25.07 17.64 -0.07
C PRO B 49 -25.10 16.13 -0.32
N ASN B 50 -25.26 15.68 -1.60
CA ASN B 50 -25.27 14.25 -1.94
C ASN B 50 -23.96 13.54 -1.62
N PHE B 51 -22.82 14.27 -1.70
CA PHE B 51 -21.49 13.74 -1.40
C PHE B 51 -21.40 13.42 0.10
N ILE B 52 -21.90 14.34 0.96
CA ILE B 52 -21.95 14.16 2.42
C ILE B 52 -22.87 12.97 2.72
N HIS B 53 -24.01 12.87 2.02
CA HIS B 53 -24.98 11.79 2.15
C HIS B 53 -24.38 10.44 1.79
N ALA B 54 -23.53 10.40 0.77
CA ALA B 54 -22.84 9.19 0.34
C ALA B 54 -21.93 8.68 1.48
N PHE B 55 -21.24 9.61 2.20
CA PHE B 55 -20.39 9.24 3.35
C PHE B 55 -21.22 8.77 4.52
N LEU B 56 -22.32 9.47 4.82
CA LEU B 56 -23.27 9.13 5.87
C LEU B 56 -23.85 7.71 5.68
N ALA B 57 -24.13 7.31 4.41
CA ALA B 57 -24.67 5.98 4.02
C ALA B 57 -23.58 4.90 3.87
N ALA B 58 -22.28 5.27 3.91
CA ALA B 58 -21.18 4.34 3.70
C ALA B 58 -20.98 3.23 4.74
N GLU B 59 -21.51 3.41 5.98
CA GLU B 59 -21.43 2.44 7.08
C GLU B 59 -22.79 2.30 7.75
N ASP B 60 -23.14 1.10 8.24
CA ASP B 60 -24.45 0.92 8.88
C ASP B 60 -24.63 1.65 10.19
N SER B 61 -23.55 1.82 10.97
CA SER B 61 -23.69 2.49 12.26
C SER B 61 -22.56 3.38 12.67
N SER B 62 -22.96 4.55 13.18
CA SER B 62 -22.09 5.61 13.69
C SER B 62 -22.43 5.82 15.17
N PHE B 63 -21.41 5.84 16.04
CA PHE B 63 -21.64 6.04 17.47
C PHE B 63 -20.78 7.18 18.01
N PHE B 64 -20.24 8.04 17.12
CA PHE B 64 -19.38 9.15 17.54
C PHE B 64 -20.06 10.09 18.51
N GLN B 125 -30.82 12.61 10.84
CA GLN B 125 -30.81 11.40 11.67
C GLN B 125 -29.53 11.31 12.54
N ASN B 126 -28.35 11.57 11.95
CA ASN B 126 -27.07 11.53 12.67
C ASN B 126 -26.11 12.72 12.36
N LEU B 127 -26.22 13.76 13.22
CA LEU B 127 -25.48 15.02 13.19
C LEU B 127 -23.98 14.80 13.40
N SER B 128 -23.59 13.98 14.41
CA SER B 128 -22.20 13.76 14.80
C SER B 128 -21.23 13.31 13.72
N LYS B 129 -21.61 12.32 12.90
CA LYS B 129 -20.74 11.84 11.83
C LYS B 129 -20.50 12.97 10.82
N GLU B 130 -21.56 13.75 10.49
CA GLU B 130 -21.49 14.89 9.57
C GLU B 130 -20.49 15.92 10.11
N ASP B 131 -20.57 16.23 11.43
CA ASP B 131 -19.71 17.16 12.17
C ASP B 131 -18.25 16.74 12.15
N ILE B 132 -17.98 15.44 12.38
CA ILE B 132 -16.62 14.87 12.38
C ILE B 132 -16.10 14.65 10.95
N LEU B 133 -16.99 14.51 9.96
CA LEU B 133 -16.59 14.34 8.57
C LEU B 133 -15.86 15.58 8.06
N SER B 134 -16.33 16.79 8.44
CA SER B 134 -15.72 18.08 8.07
C SER B 134 -14.25 18.20 8.48
N LEU B 135 -13.83 17.47 9.54
CA LEU B 135 -12.46 17.46 10.04
C LEU B 135 -11.51 16.59 9.20
N TYR B 136 -12.07 15.70 8.35
CA TYR B 136 -11.33 14.73 7.55
C TYR B 136 -11.50 14.81 6.05
N VAL B 137 -12.62 15.36 5.58
CA VAL B 137 -13.01 15.51 4.18
C VAL B 137 -11.90 15.95 3.17
N ASN B 138 -10.88 16.69 3.62
CA ASN B 138 -9.77 17.15 2.75
C ASN B 138 -8.49 16.34 2.96
N LYS B 139 -8.55 15.36 3.87
CA LYS B 139 -7.41 14.55 4.28
C LYS B 139 -7.54 13.08 3.93
N ILE B 140 -8.77 12.53 3.94
CA ILE B 140 -9.03 11.10 3.72
C ILE B 140 -8.27 10.54 2.54
N PHE B 141 -7.44 9.52 2.80
CA PHE B 141 -6.68 8.84 1.76
C PHE B 141 -7.67 7.99 0.99
N LEU B 142 -7.77 8.28 -0.31
CA LEU B 142 -8.74 7.63 -1.18
C LEU B 142 -8.09 6.83 -2.30
N GLY B 143 -6.81 6.50 -2.13
CA GLY B 143 -6.04 5.72 -3.09
C GLY B 143 -5.48 6.54 -4.23
N LYS B 144 -4.50 5.97 -4.97
CA LYS B 144 -3.88 6.58 -6.15
C LYS B 144 -3.41 8.04 -5.91
N ASN B 145 -2.76 8.30 -4.74
CA ASN B 145 -2.20 9.62 -4.32
C ASN B 145 -3.25 10.68 -3.97
N ALA B 146 -4.53 10.26 -3.83
CA ALA B 146 -5.63 11.16 -3.53
C ALA B 146 -5.87 11.30 -2.03
N TYR B 147 -5.75 12.56 -1.55
CA TYR B 147 -5.96 12.92 -0.15
C TYR B 147 -7.05 13.95 -0.12
N GLY B 148 -8.25 13.50 0.24
CA GLY B 148 -9.43 14.35 0.27
C GLY B 148 -10.29 14.17 -0.96
N ILE B 149 -11.57 14.52 -0.82
CA ILE B 149 -12.59 14.39 -1.86
C ILE B 149 -12.29 15.05 -3.22
N ALA B 150 -11.73 16.28 -3.21
CA ALA B 150 -11.39 17.03 -4.44
C ALA B 150 -10.28 16.37 -5.24
N ALA B 151 -9.23 15.89 -4.53
CA ALA B 151 -8.11 15.18 -5.14
C ALA B 151 -8.54 13.86 -5.77
N ALA B 152 -9.52 13.17 -5.17
CA ALA B 152 -10.06 11.91 -5.72
C ALA B 152 -10.91 12.18 -6.99
N ALA B 153 -11.72 13.26 -6.94
CA ALA B 153 -12.57 13.69 -8.06
C ALA B 153 -11.68 14.01 -9.26
N LYS B 154 -10.53 14.66 -9.00
CA LYS B 154 -9.53 15.01 -10.00
C LYS B 154 -8.79 13.79 -10.52
N ILE B 155 -8.20 12.97 -9.63
CA ILE B 155 -7.41 11.79 -10.00
C ILE B 155 -8.20 10.73 -10.74
N TYR B 156 -9.41 10.42 -10.26
CA TYR B 156 -10.25 9.40 -10.84
C TYR B 156 -11.07 9.83 -12.05
N TYR B 157 -11.62 11.06 -12.04
CA TYR B 157 -12.54 11.49 -13.08
C TYR B 157 -12.19 12.78 -13.79
N ASN B 158 -11.13 13.48 -13.34
CA ASN B 158 -10.68 14.78 -13.87
C ASN B 158 -11.83 15.79 -13.74
N LYS B 159 -12.52 15.66 -12.60
CA LYS B 159 -13.69 16.46 -12.26
C LYS B 159 -13.49 17.23 -10.97
N SER B 160 -14.32 18.26 -10.81
CA SER B 160 -14.42 19.04 -9.59
C SER B 160 -15.49 18.27 -8.82
N ILE B 161 -15.54 18.41 -7.47
CA ILE B 161 -16.54 17.71 -6.66
C ILE B 161 -17.97 18.05 -7.09
N ASN B 162 -18.15 19.25 -7.68
CA ASN B 162 -19.42 19.76 -8.17
C ASN B 162 -19.85 19.22 -9.55
N GLU B 163 -18.96 18.48 -10.21
CA GLU B 163 -19.21 17.85 -11.51
C GLU B 163 -19.46 16.35 -11.34
N LEU B 164 -19.37 15.85 -10.12
CA LEU B 164 -19.55 14.42 -9.89
C LEU B 164 -21.00 14.02 -9.90
N SER B 165 -21.26 12.81 -10.43
CA SER B 165 -22.58 12.21 -10.46
C SER B 165 -22.81 11.51 -9.10
N ILE B 166 -24.07 11.12 -8.79
CA ILE B 166 -24.38 10.44 -7.55
C ILE B 166 -23.53 9.16 -7.42
N ALA B 167 -23.45 8.37 -8.51
CA ALA B 167 -22.69 7.13 -8.58
C ALA B 167 -21.19 7.33 -8.30
N GLN B 168 -20.59 8.41 -8.83
CA GLN B 168 -19.18 8.73 -8.61
C GLN B 168 -18.92 9.16 -7.16
N MET B 169 -19.89 9.88 -6.54
CA MET B 169 -19.84 10.30 -5.14
C MET B 169 -19.89 9.07 -4.24
N ALA B 170 -20.79 8.12 -4.58
CA ALA B 170 -20.94 6.84 -3.86
C ALA B 170 -19.66 6.00 -4.00
N MET B 171 -19.02 6.06 -5.18
CA MET B 171 -17.77 5.35 -5.46
C MET B 171 -16.63 5.84 -4.54
N ILE B 172 -16.44 7.17 -4.46
CA ILE B 172 -15.43 7.81 -3.61
C ILE B 172 -15.69 7.51 -2.11
N ALA B 173 -16.95 7.60 -1.66
CA ALA B 173 -17.38 7.37 -0.28
C ALA B 173 -17.14 5.94 0.25
N GLY B 174 -16.95 5.00 -0.68
CA GLY B 174 -16.69 3.60 -0.38
C GLY B 174 -15.23 3.26 -0.22
N LEU B 175 -14.35 4.21 -0.55
CA LEU B 175 -12.89 4.08 -0.48
C LEU B 175 -12.22 4.28 0.88
N PRO B 176 -12.67 5.15 1.82
CA PRO B 176 -11.90 5.34 3.07
C PRO B 176 -11.50 4.07 3.82
N LYS B 177 -12.45 3.12 3.98
CA LYS B 177 -12.31 1.85 4.70
C LYS B 177 -11.08 1.04 4.27
N ALA B 178 -10.91 0.80 2.96
CA ALA B 178 -9.76 0.07 2.36
C ALA B 178 -9.52 0.58 0.94
N PRO B 179 -8.69 1.66 0.77
CA PRO B 179 -8.46 2.23 -0.58
C PRO B 179 -7.57 1.39 -1.51
N SER B 180 -7.78 0.06 -1.50
CA SER B 180 -7.08 -0.93 -2.32
C SER B 180 -8.04 -2.06 -2.62
N LYS B 181 -8.73 -2.58 -1.57
CA LYS B 181 -9.76 -3.62 -1.73
C LYS B 181 -10.89 -3.06 -2.61
N TYR B 182 -11.42 -1.86 -2.27
CA TYR B 182 -12.52 -1.26 -3.00
C TYR B 182 -12.12 -0.28 -4.10
N ASN B 183 -10.82 -0.18 -4.41
CA ASN B 183 -10.31 0.74 -5.42
C ASN B 183 -10.83 0.41 -6.83
N PRO B 184 -11.42 1.38 -7.58
CA PRO B 184 -11.92 1.06 -8.94
C PRO B 184 -10.85 0.75 -9.99
N VAL B 185 -9.59 1.21 -9.79
CA VAL B 185 -8.47 0.97 -10.71
C VAL B 185 -7.98 -0.48 -10.57
N VAL B 186 -7.80 -0.94 -9.31
CA VAL B 186 -7.30 -2.28 -9.01
C VAL B 186 -8.40 -3.37 -8.93
N ASN B 187 -9.48 -3.15 -8.15
CA ASN B 187 -10.60 -4.10 -8.04
C ASN B 187 -11.90 -3.47 -8.56
N PRO B 188 -12.13 -3.39 -9.89
CA PRO B 188 -13.36 -2.77 -10.39
C PRO B 188 -14.66 -3.50 -10.01
N GLU B 189 -14.63 -4.83 -9.84
CA GLU B 189 -15.82 -5.62 -9.48
C GLU B 189 -16.22 -5.30 -8.04
N ARG B 190 -15.27 -5.48 -7.10
CA ARG B 190 -15.35 -5.21 -5.66
C ARG B 190 -15.79 -3.77 -5.37
N ALA B 191 -15.36 -2.79 -6.21
CA ALA B 191 -15.68 -1.37 -6.12
C ALA B 191 -17.15 -1.13 -6.42
N LEU B 192 -17.63 -1.67 -7.57
CA LEU B 192 -19.03 -1.56 -7.96
C LEU B 192 -19.94 -2.22 -6.94
N GLU B 193 -19.47 -3.29 -6.28
CA GLU B 193 -20.21 -4.01 -5.24
C GLU B 193 -20.46 -3.06 -4.06
N ARG B 194 -19.39 -2.41 -3.56
CA ARG B 194 -19.39 -1.44 -2.47
C ARG B 194 -20.25 -0.21 -2.82
N ARG B 195 -20.04 0.36 -4.05
CA ARG B 195 -20.75 1.53 -4.56
C ARG B 195 -22.27 1.31 -4.58
N ASN B 196 -22.73 0.24 -5.25
CA ASN B 196 -24.15 -0.08 -5.38
C ASN B 196 -24.82 -0.31 -4.04
N TRP B 197 -24.07 -0.84 -3.07
CA TRP B 197 -24.55 -1.05 -1.71
C TRP B 197 -24.83 0.32 -1.05
N ILE B 198 -23.88 1.28 -1.16
CA ILE B 198 -23.99 2.65 -0.64
C ILE B 198 -25.17 3.38 -1.32
N LEU B 199 -25.30 3.24 -2.66
CA LEU B 199 -26.40 3.83 -3.43
C LEU B 199 -27.74 3.32 -2.90
N GLY B 200 -27.83 2.01 -2.65
CA GLY B 200 -29.01 1.35 -2.08
C GLY B 200 -29.38 1.90 -0.72
N ARG B 201 -28.35 2.14 0.11
CA ARG B 201 -28.48 2.70 1.46
C ARG B 201 -28.86 4.18 1.43
N MET B 202 -28.41 4.93 0.41
CA MET B 202 -28.73 6.35 0.21
C MET B 202 -30.24 6.47 -0.08
N LEU B 203 -30.78 5.51 -0.85
CA LEU B 203 -32.20 5.40 -1.18
C LEU B 203 -33.03 5.10 0.10
N GLN B 204 -32.68 4.02 0.83
CA GLN B 204 -33.33 3.60 2.08
C GLN B 204 -33.34 4.71 3.12
N LEU B 205 -32.30 5.56 3.15
CA LEU B 205 -32.18 6.68 4.08
C LEU B 205 -32.91 7.95 3.59
N GLY B 206 -33.46 7.91 2.37
CA GLY B 206 -34.19 9.01 1.78
C GLY B 206 -33.33 10.15 1.26
N TYR B 207 -32.03 9.90 1.05
CA TYR B 207 -31.09 10.91 0.55
C TYR B 207 -31.27 11.09 -0.96
N ILE B 208 -31.64 10.00 -1.65
CA ILE B 208 -31.86 9.96 -3.10
C ILE B 208 -33.21 9.34 -3.45
N SER B 209 -33.81 9.80 -4.57
CA SER B 209 -35.07 9.29 -5.09
C SER B 209 -34.80 7.96 -5.81
N GLN B 210 -35.87 7.18 -6.11
CA GLN B 210 -35.73 5.93 -6.85
C GLN B 210 -35.24 6.18 -8.28
N ALA B 211 -35.62 7.34 -8.87
CA ALA B 211 -35.21 7.79 -10.20
C ALA B 211 -33.69 8.02 -10.19
N GLU B 212 -33.19 8.78 -9.18
CA GLU B 212 -31.77 9.06 -8.98
C GLU B 212 -31.03 7.76 -8.75
N TYR B 213 -31.65 6.83 -7.99
CA TYR B 213 -31.09 5.52 -7.70
C TYR B 213 -30.94 4.64 -8.95
N GLN B 214 -32.02 4.48 -9.76
CA GLN B 214 -31.95 3.62 -10.96
C GLN B 214 -30.93 4.13 -11.98
N LYS B 215 -30.86 5.47 -12.15
CA LYS B 215 -29.90 6.15 -13.02
C LYS B 215 -28.47 5.83 -12.59
N ALA B 216 -28.18 6.01 -11.29
CA ALA B 216 -26.88 5.79 -10.66
C ALA B 216 -26.38 4.35 -10.66
N VAL B 217 -27.22 3.36 -10.36
CA VAL B 217 -26.80 1.94 -10.38
C VAL B 217 -26.44 1.45 -11.77
N ALA B 218 -27.15 1.97 -12.80
CA ALA B 218 -26.94 1.66 -14.21
C ALA B 218 -25.66 2.31 -14.76
N GLU B 219 -25.17 3.37 -14.09
CA GLU B 219 -23.97 4.11 -14.50
C GLU B 219 -22.68 3.29 -14.37
N PRO B 220 -21.90 3.13 -15.48
CA PRO B 220 -20.64 2.38 -15.37
C PRO B 220 -19.55 3.13 -14.59
N ILE B 221 -18.42 2.46 -14.25
CA ILE B 221 -17.31 3.06 -13.48
C ILE B 221 -16.93 4.46 -13.95
N ASN B 222 -16.81 4.64 -15.28
CA ASN B 222 -16.55 5.90 -15.97
C ASN B 222 -15.28 6.64 -15.54
N LEU B 223 -14.18 5.89 -15.35
CA LEU B 223 -12.89 6.49 -14.99
C LEU B 223 -12.39 7.36 -16.12
N ASN B 224 -11.97 8.58 -15.79
CA ASN B 224 -11.41 9.53 -16.74
C ASN B 224 -10.16 10.11 -16.05
N MET B 225 -9.22 9.20 -15.75
CA MET B 225 -7.99 9.50 -15.01
C MET B 225 -7.04 10.38 -15.80
N PRO B 226 -6.86 11.66 -15.41
CA PRO B 226 -5.91 12.51 -16.14
C PRO B 226 -4.48 12.04 -15.90
N ASN B 227 -3.60 12.34 -16.85
CA ASN B 227 -2.20 12.00 -16.73
C ASN B 227 -1.54 13.08 -15.90
N ARG B 228 -0.93 12.69 -14.80
CA ARG B 228 -0.28 13.68 -13.94
C ARG B 228 1.24 13.61 -14.05
N ASP B 229 1.72 12.74 -14.94
CA ASP B 229 3.12 12.64 -15.29
C ASP B 229 3.26 13.24 -16.69
N LEU B 230 3.39 14.57 -16.76
CA LEU B 230 3.54 15.30 -18.04
C LEU B 230 4.98 15.25 -18.50
N ASN B 231 5.22 14.62 -19.65
CA ASN B 231 6.55 14.40 -20.21
C ASN B 231 6.43 14.27 -21.71
N ASN B 232 6.06 15.34 -22.40
CA ASN B 232 5.78 15.26 -23.85
C ASN B 232 6.74 16.03 -24.75
N ILE B 233 7.86 16.54 -24.18
CA ILE B 233 8.84 17.31 -24.97
C ILE B 233 10.09 16.47 -25.23
N HIS B 234 10.82 16.04 -24.18
CA HIS B 234 12.00 15.17 -24.31
C HIS B 234 11.81 13.99 -23.37
N PRO B 235 10.92 13.06 -23.79
CA PRO B 235 10.50 11.97 -22.89
C PRO B 235 11.53 11.15 -22.17
N TYR B 236 12.60 10.73 -22.86
CA TYR B 236 13.67 9.96 -22.24
C TYR B 236 14.39 10.75 -21.17
N ALA B 237 14.58 12.05 -21.40
CA ALA B 237 15.23 12.96 -20.46
C ALA B 237 14.38 13.14 -19.16
N GLY B 238 13.07 13.38 -19.32
CA GLY B 238 12.12 13.54 -18.22
C GLY B 238 12.05 12.29 -17.35
N GLU B 239 11.85 11.12 -17.99
CA GLU B 239 11.75 9.83 -17.32
C GLU B 239 13.04 9.43 -16.61
N MET B 240 14.19 9.82 -17.15
CA MET B 240 15.48 9.56 -16.51
C MET B 240 15.46 10.11 -15.07
N VAL B 241 15.00 11.35 -14.91
CA VAL B 241 14.88 12.01 -13.60
C VAL B 241 13.88 11.31 -12.66
N ARG B 242 12.62 11.11 -13.11
CA ARG B 242 11.60 10.45 -12.30
C ARG B 242 12.03 9.02 -11.90
N SER B 243 12.42 8.18 -12.88
CA SER B 243 12.78 6.81 -12.55
C SER B 243 14.01 6.66 -11.64
N GLU B 244 15.00 7.53 -11.76
CA GLU B 244 16.19 7.50 -10.90
C GLU B 244 15.88 7.93 -9.47
N LEU B 245 15.13 9.03 -9.30
CA LEU B 245 14.76 9.47 -7.97
C LEU B 245 13.95 8.39 -7.24
N VAL B 246 12.96 7.79 -7.94
CA VAL B 246 12.10 6.71 -7.46
C VAL B 246 12.89 5.41 -7.18
N LYS B 247 13.89 5.07 -8.00
CA LYS B 247 14.70 3.87 -7.79
C LYS B 247 15.52 3.99 -6.51
N HIS B 248 16.11 5.16 -6.25
CA HIS B 248 16.98 5.40 -5.10
C HIS B 248 16.28 5.87 -3.84
N PHE B 249 15.23 6.66 -3.97
CA PHE B 249 14.54 7.27 -2.82
C PHE B 249 13.08 6.97 -2.68
N GLY B 250 12.51 6.15 -3.57
CA GLY B 250 11.10 5.79 -3.59
C GLY B 250 10.19 6.95 -3.95
N GLU B 251 8.87 6.64 -4.00
CA GLU B 251 7.83 7.57 -4.37
C GLU B 251 7.75 8.90 -3.60
N GLN B 252 8.35 8.99 -2.40
CA GLN B 252 8.38 10.22 -1.59
C GLN B 252 9.20 11.32 -2.26
N ALA B 253 10.10 10.93 -3.19
CA ALA B 253 10.99 11.82 -3.93
C ALA B 253 10.23 12.76 -4.88
N ILE B 254 9.07 12.32 -5.34
CA ILE B 254 8.18 13.06 -6.23
C ILE B 254 7.31 14.04 -5.44
N ASP B 255 6.83 13.62 -4.27
CA ASP B 255 5.98 14.44 -3.41
C ASP B 255 6.65 15.71 -2.86
N SER B 256 7.99 15.76 -2.92
CA SER B 256 8.85 16.84 -2.44
C SER B 256 8.62 18.24 -3.07
N GLY B 257 8.03 18.30 -4.28
CA GLY B 257 7.76 19.57 -4.99
C GLY B 257 9.00 20.34 -5.49
N TYR B 258 10.14 19.65 -5.55
CA TYR B 258 11.44 20.17 -5.97
C TYR B 258 11.52 20.44 -7.47
N LYS B 259 12.32 21.45 -7.85
CA LYS B 259 12.62 21.83 -9.22
C LYS B 259 14.00 21.26 -9.51
N VAL B 260 14.06 20.26 -10.42
CA VAL B 260 15.26 19.56 -10.83
C VAL B 260 15.80 20.18 -12.15
N TYR B 261 16.99 20.80 -12.05
CA TYR B 261 17.70 21.44 -13.18
C TYR B 261 18.74 20.47 -13.66
N THR B 262 18.48 19.85 -14.82
CA THR B 262 19.40 18.87 -15.39
C THR B 262 20.48 19.50 -16.24
N THR B 263 21.46 18.67 -16.65
CA THR B 263 22.61 18.93 -17.52
C THR B 263 22.20 18.74 -19.00
N ILE B 264 20.96 18.30 -19.26
CA ILE B 264 20.45 18.06 -20.61
C ILE B 264 20.46 19.34 -21.46
N ASN B 265 21.14 19.29 -22.62
CA ASN B 265 21.16 20.39 -23.60
C ASN B 265 19.98 20.09 -24.50
N ALA B 266 18.92 20.94 -24.47
CA ALA B 266 17.69 20.70 -25.25
C ALA B 266 17.90 20.58 -26.77
N LYS B 267 18.77 21.42 -27.35
CA LYS B 267 19.10 21.40 -28.75
C LYS B 267 19.76 20.05 -29.09
N ARG B 268 20.78 19.66 -28.32
CA ARG B 268 21.49 18.38 -28.52
C ARG B 268 20.57 17.18 -28.31
N GLN B 269 19.62 17.30 -27.35
CA GLN B 269 18.60 16.29 -27.05
C GLN B 269 17.64 16.10 -28.24
N ALA B 270 17.20 17.21 -28.84
CA ALA B 270 16.32 17.21 -30.01
C ALA B 270 17.05 16.57 -31.20
N ILE B 271 18.35 16.90 -31.40
CA ILE B 271 19.20 16.34 -32.46
C ILE B 271 19.31 14.80 -32.31
N ALA B 272 19.62 14.33 -31.07
CA ALA B 272 19.78 12.92 -30.73
C ALA B 272 18.54 12.10 -31.00
N GLU B 273 17.35 12.61 -30.61
CA GLU B 273 16.04 11.96 -30.82
C GLU B 273 15.80 11.73 -32.33
N LYS B 274 16.06 12.78 -33.15
CA LYS B 274 15.93 12.75 -34.59
C LYS B 274 16.97 11.84 -35.22
N ALA B 275 18.23 11.84 -34.70
CA ALA B 275 19.29 10.99 -35.25
C ALA B 275 19.01 9.51 -35.04
N VAL B 276 18.47 9.13 -33.85
CA VAL B 276 18.14 7.75 -33.51
C VAL B 276 16.94 7.29 -34.35
N GLN B 277 15.90 8.15 -34.47
CA GLN B 277 14.74 7.85 -35.29
C GLN B 277 15.15 7.62 -36.74
N ASP B 278 15.87 8.59 -37.37
CA ASP B 278 16.33 8.44 -38.75
C ASP B 278 17.19 7.22 -39.00
N GLY B 279 18.17 6.98 -38.13
CA GLY B 279 19.11 5.88 -38.24
C GLY B 279 18.44 4.52 -38.15
N LEU B 280 17.48 4.37 -37.19
CA LEU B 280 16.72 3.12 -37.03
C LEU B 280 15.82 2.92 -38.23
N GLU B 281 15.20 4.01 -38.71
CA GLU B 281 14.37 3.93 -39.91
C GLU B 281 15.21 3.59 -41.15
N ALA B 282 16.46 4.09 -41.26
CA ALA B 282 17.37 3.78 -42.38
C ALA B 282 17.71 2.28 -42.37
N TYR B 283 18.00 1.69 -41.19
CA TYR B 283 18.28 0.27 -41.06
C TYR B 283 17.03 -0.50 -41.50
N ASP B 284 15.90 -0.15 -40.88
CA ASP B 284 14.62 -0.80 -41.10
C ASP B 284 14.23 -0.91 -42.56
N ARG B 285 14.24 0.23 -43.30
CA ARG B 285 13.85 0.32 -44.69
C ARG B 285 14.69 -0.57 -45.59
N ARG B 286 16.02 -0.55 -45.40
CA ARG B 286 16.91 -1.43 -46.19
C ARG B 286 16.70 -2.94 -45.89
N HIS B 287 16.08 -3.24 -44.75
CA HIS B 287 15.76 -4.62 -44.41
C HIS B 287 14.41 -5.11 -44.94
N GLY B 288 13.63 -4.17 -45.52
CA GLY B 288 12.36 -4.43 -46.17
C GLY B 288 11.06 -4.30 -45.39
N TRP B 289 9.95 -4.20 -46.13
CA TRP B 289 8.58 -4.13 -45.64
C TRP B 289 8.18 -5.47 -44.97
N ARG B 290 7.75 -5.39 -43.71
CA ARG B 290 7.37 -6.56 -42.91
C ARG B 290 5.88 -6.80 -42.85
N GLY B 291 5.10 -6.05 -43.63
CA GLY B 291 3.65 -6.17 -43.72
C GLY B 291 2.97 -5.28 -42.71
N ALA B 292 1.63 -5.06 -42.84
CA ALA B 292 0.84 -4.23 -41.92
C ALA B 292 0.95 -4.74 -40.49
N GLU B 293 0.99 -3.82 -39.50
CA GLU B 293 1.10 -4.21 -38.09
C GLU B 293 -0.08 -4.95 -37.50
N ALA B 294 -1.24 -4.83 -38.15
CA ALA B 294 -2.47 -5.53 -37.79
C ALA B 294 -3.37 -5.59 -39.00
N HIS B 295 -4.32 -6.52 -38.97
CA HIS B 295 -5.31 -6.68 -40.01
C HIS B 295 -6.64 -6.94 -39.35
N ASP B 296 -7.67 -6.23 -39.84
CA ASP B 296 -9.05 -6.32 -39.36
C ASP B 296 -9.16 -6.13 -37.83
N LYS B 297 -8.48 -5.09 -37.34
CA LYS B 297 -8.46 -4.71 -35.92
C LYS B 297 -8.95 -3.25 -35.83
N PRO B 298 -9.58 -2.84 -34.69
CA PRO B 298 -10.10 -1.46 -34.63
C PRO B 298 -9.03 -0.37 -34.56
N LEU B 299 -9.07 0.56 -35.53
CA LEU B 299 -8.17 1.71 -35.70
C LEU B 299 -7.96 2.51 -34.41
N SER B 300 -8.99 2.57 -33.54
CA SER B 300 -8.95 3.27 -32.25
C SER B 300 -7.98 2.62 -31.26
N GLU B 301 -7.61 1.34 -31.49
CA GLU B 301 -6.69 0.60 -30.63
C GLU B 301 -5.21 0.91 -30.90
N PHE B 302 -4.93 1.77 -31.91
CA PHE B 302 -3.58 2.15 -32.30
C PHE B 302 -3.29 3.58 -31.93
N ARG B 303 -2.00 3.92 -31.77
CA ARG B 303 -1.62 5.27 -31.38
C ARG B 303 -0.54 5.84 -32.31
N ALA B 304 -0.58 7.16 -32.52
CA ALA B 304 0.44 7.83 -33.31
C ALA B 304 1.66 8.09 -32.42
N TYR B 305 2.87 8.00 -33.00
CA TYR B 305 4.16 8.29 -32.36
C TYR B 305 5.23 8.37 -33.43
N ALA B 306 6.41 8.96 -33.14
CA ALA B 306 7.55 9.10 -34.05
C ALA B 306 7.17 9.61 -35.45
N ASN B 307 6.13 10.48 -35.50
CA ASN B 307 5.60 11.07 -36.74
C ASN B 307 5.11 9.98 -37.72
N THR B 308 4.37 9.02 -37.16
CA THR B 308 3.76 7.91 -37.88
C THR B 308 2.35 7.89 -37.43
N TYR B 309 1.43 7.73 -38.36
CA TYR B 309 0.03 7.80 -38.01
C TYR B 309 -0.73 6.58 -38.43
N PRO B 310 -1.32 5.85 -37.46
CA PRO B 310 -2.12 4.65 -37.81
C PRO B 310 -3.26 4.97 -38.80
N ALA B 311 -3.32 4.18 -39.88
CA ALA B 311 -4.34 4.31 -40.92
C ALA B 311 -4.86 2.95 -41.32
N GLN B 312 -6.12 2.88 -41.82
CA GLN B 312 -6.76 1.65 -42.27
C GLN B 312 -6.96 1.65 -43.76
N VAL B 313 -6.43 0.63 -44.46
CA VAL B 313 -6.53 0.50 -45.92
C VAL B 313 -8.00 0.24 -46.29
N THR B 314 -8.58 1.13 -47.11
CA THR B 314 -9.99 1.05 -47.50
C THR B 314 -10.20 0.69 -48.98
N LYS B 315 -9.19 0.94 -49.82
CA LYS B 315 -9.22 0.67 -51.26
C LYS B 315 -7.79 0.54 -51.78
N VAL B 316 -7.54 -0.51 -52.58
CA VAL B 316 -6.23 -0.78 -53.17
C VAL B 316 -6.39 -0.75 -54.70
N ASN B 317 -5.52 0.01 -55.38
CA ASN B 317 -5.46 0.16 -56.83
C ASN B 317 -4.15 -0.46 -57.31
N SER B 318 -3.79 -0.27 -58.59
CA SER B 318 -2.56 -0.84 -59.14
C SER B 318 -1.28 -0.18 -58.59
N SER B 319 -1.21 1.17 -58.62
CA SER B 319 -0.06 1.97 -58.17
C SER B 319 -0.32 2.79 -56.87
N SER B 320 -1.57 2.80 -56.35
CA SER B 320 -1.91 3.58 -55.17
C SER B 320 -2.89 2.87 -54.25
N PHE B 321 -3.07 3.41 -53.03
CA PHE B 321 -4.05 2.91 -52.07
C PHE B 321 -4.68 4.03 -51.27
N GLU B 322 -5.92 3.81 -50.79
CA GLU B 322 -6.67 4.76 -49.96
C GLU B 322 -6.69 4.25 -48.55
N ALA B 323 -6.49 5.15 -47.59
CA ALA B 323 -6.46 4.81 -46.18
C ALA B 323 -7.26 5.80 -45.32
N LEU B 324 -7.92 5.27 -44.28
CA LEU B 324 -8.73 6.01 -43.33
C LEU B 324 -7.91 6.35 -42.10
N MET B 325 -7.86 7.66 -41.76
CA MET B 325 -7.10 8.18 -40.64
C MET B 325 -7.93 8.17 -39.35
N GLN B 326 -7.29 8.42 -38.21
CA GLN B 326 -7.91 8.48 -36.90
C GLN B 326 -8.89 9.65 -36.70
N ASP B 327 -8.80 10.69 -37.58
CA ASP B 327 -9.71 11.83 -37.56
C ASP B 327 -10.89 11.63 -38.53
N GLY B 328 -10.96 10.46 -39.17
CA GLY B 328 -12.03 10.10 -40.09
C GLY B 328 -11.80 10.48 -41.54
N SER B 329 -10.75 11.24 -41.83
CA SER B 329 -10.46 11.63 -43.20
C SER B 329 -9.71 10.57 -44.00
N THR B 330 -10.09 10.40 -45.28
CA THR B 330 -9.48 9.46 -46.18
C THR B 330 -8.33 10.14 -46.94
N VAL B 331 -7.16 9.45 -47.00
CA VAL B 331 -5.97 9.92 -47.70
C VAL B 331 -5.60 8.92 -48.81
N THR B 332 -4.77 9.36 -49.77
CA THR B 332 -4.28 8.51 -50.86
C THR B 332 -2.76 8.47 -50.76
N VAL B 333 -2.19 7.28 -50.88
CA VAL B 333 -0.74 7.11 -50.91
C VAL B 333 -0.41 6.75 -52.35
N GLN B 334 0.44 7.56 -52.99
CA GLN B 334 0.85 7.34 -54.38
C GLN B 334 2.01 6.34 -54.43
N TRP B 335 2.35 5.83 -55.64
CA TRP B 335 3.42 4.85 -55.83
C TRP B 335 4.74 5.24 -55.19
N SER B 336 5.15 6.52 -55.35
CA SER B 336 6.39 7.07 -54.78
C SER B 336 6.48 6.91 -53.24
N GLY B 337 5.33 6.94 -52.55
CA GLY B 337 5.25 6.77 -51.10
C GLY B 337 5.28 5.33 -50.59
N MET B 338 5.27 4.33 -51.50
CA MET B 338 5.23 2.91 -51.14
C MET B 338 6.21 2.01 -51.94
N SER B 339 6.80 2.52 -53.06
CA SER B 339 7.68 1.74 -53.95
C SER B 339 8.89 1.11 -53.29
N TRP B 340 9.31 1.66 -52.14
CA TRP B 340 10.43 1.17 -51.36
C TRP B 340 10.19 -0.23 -50.76
N ALA B 341 8.93 -0.62 -50.62
CA ALA B 341 8.48 -1.84 -49.98
C ALA B 341 8.92 -3.22 -50.49
N ARG B 342 10.25 -3.46 -50.72
CA ARG B 342 10.78 -4.81 -51.08
C ARG B 342 10.45 -5.64 -49.84
N PRO B 343 9.88 -6.85 -49.96
CA PRO B 343 9.50 -7.57 -48.76
C PRO B 343 10.68 -8.16 -47.99
N TYR B 344 10.69 -8.00 -46.66
CA TYR B 344 11.66 -8.62 -45.77
C TYR B 344 11.47 -10.14 -45.88
N ARG B 345 12.57 -10.89 -45.99
CA ARG B 345 12.53 -12.35 -46.03
C ARG B 345 13.24 -12.83 -44.75
N ASN B 346 14.37 -12.23 -44.45
CA ASN B 346 15.13 -12.42 -43.22
C ASN B 346 16.15 -11.28 -43.18
N ALA B 347 16.98 -11.16 -42.13
CA ALA B 347 17.99 -10.08 -42.00
C ALA B 347 19.02 -9.98 -43.15
N ASN B 348 19.24 -11.06 -43.91
CA ASN B 348 20.21 -11.10 -45.01
C ASN B 348 19.52 -11.21 -46.34
N SER B 349 18.21 -10.92 -46.40
CA SER B 349 17.45 -11.13 -47.63
C SER B 349 16.21 -10.30 -47.69
N VAL B 350 15.99 -9.68 -48.85
CA VAL B 350 14.78 -8.91 -49.17
C VAL B 350 14.31 -9.39 -50.53
N GLY B 351 13.00 -9.49 -50.72
CA GLY B 351 12.43 -9.94 -51.98
C GLY B 351 12.54 -8.90 -53.10
N ALA B 352 11.89 -9.21 -54.23
CA ALA B 352 11.87 -8.33 -55.40
C ALA B 352 11.13 -7.01 -55.10
N ALA B 353 11.58 -5.89 -55.73
CA ALA B 353 10.90 -4.58 -55.59
C ALA B 353 9.42 -4.73 -55.96
N PRO B 354 8.47 -4.15 -55.19
CA PRO B 354 7.05 -4.36 -55.51
C PRO B 354 6.70 -3.85 -56.90
N SER B 355 5.79 -4.55 -57.57
CA SER B 355 5.37 -4.20 -58.93
C SER B 355 3.91 -3.77 -58.98
N ARG B 356 3.20 -3.85 -57.84
CA ARG B 356 1.80 -3.43 -57.68
C ARG B 356 1.47 -3.24 -56.20
N ALA B 357 0.52 -2.35 -55.88
CA ALA B 357 0.11 -2.04 -54.52
C ALA B 357 -0.49 -3.24 -53.75
N SER B 358 -1.09 -4.22 -54.46
CA SER B 358 -1.68 -5.44 -53.87
C SER B 358 -0.64 -6.37 -53.22
N GLN B 359 0.63 -6.27 -53.66
CA GLN B 359 1.77 -7.02 -53.10
C GLN B 359 2.19 -6.43 -51.74
N ILE B 360 1.83 -5.16 -51.48
CA ILE B 360 2.21 -4.43 -50.26
C ILE B 360 1.11 -4.38 -49.19
N VAL B 361 -0.13 -4.11 -49.61
CA VAL B 361 -1.27 -3.92 -48.70
C VAL B 361 -2.55 -4.63 -49.16
N LYS B 362 -3.37 -5.05 -48.19
CA LYS B 362 -4.70 -5.67 -48.36
C LYS B 362 -5.71 -4.65 -47.79
N VAL B 363 -6.97 -4.67 -48.26
CA VAL B 363 -8.00 -3.81 -47.68
C VAL B 363 -8.26 -4.37 -46.26
N LYS B 364 -8.39 -3.48 -45.24
CA LYS B 364 -8.58 -3.75 -43.81
C LYS B 364 -7.27 -3.85 -43.03
N ASP B 365 -6.14 -3.60 -43.70
CA ASP B 365 -4.81 -3.58 -43.08
C ASP B 365 -4.60 -2.31 -42.24
N ILE B 366 -3.91 -2.45 -41.10
CA ILE B 366 -3.55 -1.32 -40.25
C ILE B 366 -2.08 -1.00 -40.54
N VAL B 367 -1.88 0.11 -41.27
CA VAL B 367 -0.58 0.62 -41.69
C VAL B 367 -0.27 1.93 -40.96
N ARG B 368 1.00 2.39 -41.08
CA ARG B 368 1.49 3.64 -40.52
C ARG B 368 1.81 4.59 -41.69
N LEU B 369 1.37 5.84 -41.60
CA LEU B 369 1.64 6.80 -42.65
C LEU B 369 2.33 7.99 -42.06
N ARG B 370 2.99 8.77 -42.93
CA ARG B 370 3.69 9.98 -42.53
C ARG B 370 3.40 11.06 -43.59
N PRO B 371 2.93 12.25 -43.18
CA PRO B 371 2.74 13.30 -44.17
C PRO B 371 4.05 14.05 -44.38
N ASN B 372 4.08 14.92 -45.39
CA ASN B 372 5.21 15.84 -45.56
C ASN B 372 4.83 17.11 -44.72
N GLU B 373 5.77 18.06 -44.61
CA GLU B 373 5.58 19.33 -43.90
C GLU B 373 4.26 20.05 -44.27
N ALA B 374 3.91 20.12 -45.58
CA ALA B 374 2.67 20.74 -46.04
C ALA B 374 1.40 19.94 -45.78
N LYS B 375 1.54 18.60 -45.65
CA LYS B 375 0.45 17.63 -45.44
C LYS B 375 -0.29 17.41 -46.80
N THR B 376 0.43 17.64 -47.90
CA THR B 376 -0.09 17.51 -49.26
C THR B 376 0.18 16.12 -49.84
N ALA B 377 1.09 15.36 -49.19
CA ALA B 377 1.48 14.01 -49.59
C ALA B 377 1.79 13.16 -48.38
N TRP B 378 1.48 11.86 -48.49
CA TRP B 378 1.63 10.81 -47.48
C TRP B 378 2.45 9.65 -48.00
N SER B 379 3.25 9.06 -47.13
CA SER B 379 4.04 7.91 -47.50
C SER B 379 3.79 6.77 -46.52
N LEU B 380 3.91 5.53 -47.04
CA LEU B 380 3.83 4.30 -46.26
C LEU B 380 5.14 4.18 -45.50
N VAL B 381 5.05 4.18 -44.19
CA VAL B 381 6.22 4.07 -43.33
C VAL B 381 6.11 2.78 -42.50
N GLN B 382 7.12 2.51 -41.68
CA GLN B 382 7.15 1.31 -40.87
C GLN B 382 7.86 1.62 -39.54
N VAL B 383 7.26 1.19 -38.42
CA VAL B 383 7.94 1.36 -37.16
C VAL B 383 9.03 0.28 -37.10
N PRO B 384 10.29 0.64 -36.88
CA PRO B 384 11.34 -0.39 -36.82
C PRO B 384 11.12 -1.40 -35.68
N LYS B 385 11.51 -2.66 -35.91
CA LYS B 385 11.46 -3.71 -34.90
C LYS B 385 12.82 -3.61 -34.13
N VAL B 386 13.82 -3.13 -34.84
CA VAL B 386 15.16 -2.91 -34.31
C VAL B 386 15.12 -1.76 -33.31
N GLN B 387 16.05 -1.82 -32.35
CA GLN B 387 16.15 -0.80 -31.33
C GLN B 387 17.52 -0.13 -31.40
N GLY B 388 17.65 0.95 -30.66
CA GLY B 388 18.84 1.76 -30.61
C GLY B 388 18.83 2.68 -29.43
N GLN B 389 19.98 3.31 -29.19
CA GLN B 389 20.17 4.25 -28.13
C GLN B 389 21.32 5.19 -28.49
N LEU B 390 21.36 6.33 -27.81
CA LEU B 390 22.41 7.33 -27.92
C LEU B 390 22.63 7.91 -26.52
N ILE B 391 23.89 8.06 -26.14
CA ILE B 391 24.25 8.73 -24.88
C ILE B 391 25.41 9.66 -25.14
N ALA B 392 25.22 10.96 -24.83
CA ALA B 392 26.24 11.98 -25.04
C ALA B 392 26.55 12.67 -23.72
N ILE B 393 27.83 12.56 -23.30
CA ILE B 393 28.35 13.15 -22.07
C ILE B 393 29.51 14.15 -22.30
N ASN B 394 29.71 15.06 -21.34
CA ASN B 394 30.84 15.98 -21.36
C ASN B 394 32.00 15.24 -20.71
N PRO B 395 33.12 15.02 -21.43
CA PRO B 395 34.24 14.24 -20.87
C PRO B 395 35.05 14.88 -19.76
N ASN B 396 34.84 16.18 -19.50
CA ASN B 396 35.53 16.88 -18.43
C ASN B 396 34.87 16.71 -17.06
N ASP B 397 33.53 16.51 -17.02
CA ASP B 397 32.82 16.39 -15.73
C ASP B 397 31.77 15.28 -15.65
N GLY B 398 31.48 14.64 -16.80
CA GLY B 398 30.52 13.55 -16.87
C GLY B 398 29.07 14.00 -17.04
N SER B 399 28.83 15.29 -17.34
CA SER B 399 27.48 15.85 -17.56
C SER B 399 26.80 15.11 -18.71
N ILE B 400 25.59 14.62 -18.48
CA ILE B 400 24.83 13.95 -19.53
C ILE B 400 24.12 15.06 -20.31
N GLU B 401 24.57 15.29 -21.55
CA GLU B 401 24.04 16.32 -22.47
C GLU B 401 22.85 15.92 -23.31
N ALA B 402 22.75 14.63 -23.68
CA ALA B 402 21.68 14.06 -24.50
C ALA B 402 21.57 12.60 -24.18
N ILE B 403 20.34 12.09 -24.17
CA ILE B 403 20.04 10.68 -23.87
C ILE B 403 18.77 10.21 -24.57
N VAL B 404 18.90 9.15 -25.34
CA VAL B 404 17.81 8.55 -26.09
C VAL B 404 17.92 7.07 -25.79
N GLY B 405 16.88 6.52 -25.18
CA GLY B 405 16.88 5.12 -24.75
C GLY B 405 16.18 4.06 -25.56
N GLY B 406 15.65 4.44 -26.73
CA GLY B 406 14.94 3.57 -27.66
C GLY B 406 14.48 4.36 -28.88
N TYR B 407 13.81 3.69 -29.84
CA TYR B 407 13.27 4.30 -31.06
C TYR B 407 12.39 5.49 -30.68
N ASN B 408 11.41 5.27 -29.77
CA ASN B 408 10.49 6.28 -29.27
C ASN B 408 9.96 5.85 -27.92
N PHE B 409 9.88 6.81 -26.97
CA PHE B 409 9.38 6.62 -25.60
C PHE B 409 7.95 6.04 -25.48
N TYR B 410 7.02 6.31 -26.45
CA TYR B 410 5.69 5.69 -26.42
C TYR B 410 5.78 4.15 -26.47
N GLN B 411 6.69 3.57 -27.31
CA GLN B 411 6.88 2.11 -27.41
C GLN B 411 7.02 1.45 -26.04
N SER B 412 7.88 2.02 -25.14
CA SER B 412 8.08 1.67 -23.72
C SER B 412 9.06 2.60 -23.02
N LYS B 413 8.87 2.73 -21.70
CA LYS B 413 9.68 3.56 -20.86
C LYS B 413 11.13 3.07 -20.75
N PHE B 414 11.40 1.83 -21.25
CA PHE B 414 12.71 1.21 -21.19
C PHE B 414 13.81 2.06 -21.80
N ASN B 415 14.82 2.40 -20.98
CA ASN B 415 15.97 3.23 -21.40
C ASN B 415 17.23 2.39 -21.58
N ARG B 416 17.55 2.10 -22.83
CA ARG B 416 18.71 1.27 -23.19
C ARG B 416 20.08 1.87 -22.86
N ALA B 417 20.16 3.21 -22.71
CA ALA B 417 21.42 3.87 -22.36
C ALA B 417 21.81 3.56 -20.91
N LEU B 418 20.80 3.34 -20.05
CA LEU B 418 20.98 3.12 -18.60
C LEU B 418 20.67 1.75 -18.10
N GLN B 419 19.85 0.98 -18.84
CA GLN B 419 19.40 -0.33 -18.42
C GLN B 419 19.73 -1.46 -19.40
N GLY B 420 20.13 -1.11 -20.63
CA GLY B 420 20.42 -2.07 -21.68
C GLY B 420 21.78 -2.75 -21.64
N TRP B 421 21.92 -3.81 -20.83
CA TRP B 421 23.12 -4.65 -20.73
C TRP B 421 23.32 -5.48 -22.00
N ARG B 422 24.40 -5.17 -22.74
CA ARG B 422 24.79 -5.80 -24.00
C ARG B 422 26.31 -5.99 -24.05
N GLN B 423 26.79 -6.88 -24.93
CA GLN B 423 28.25 -7.05 -25.03
C GLN B 423 28.85 -5.92 -25.90
N PRO B 424 30.01 -5.34 -25.52
CA PRO B 424 30.56 -4.25 -26.34
C PRO B 424 31.40 -4.65 -27.55
N GLY B 425 31.87 -5.91 -27.66
CA GLY B 425 32.74 -6.34 -28.75
C GLY B 425 34.02 -5.51 -28.87
N SER B 426 34.50 -5.24 -30.13
CA SER B 426 35.76 -4.48 -30.42
C SER B 426 35.83 -3.11 -29.74
N THR B 427 34.67 -2.55 -29.45
CA THR B 427 34.49 -1.27 -28.76
C THR B 427 35.22 -1.24 -27.37
N ILE B 428 35.56 -2.43 -26.79
CA ILE B 428 36.31 -2.61 -25.53
C ILE B 428 37.86 -2.56 -25.74
N LYS B 429 38.34 -2.88 -26.95
CA LYS B 429 39.77 -2.95 -27.31
C LYS B 429 40.57 -1.71 -26.96
N PRO B 430 40.13 -0.45 -27.28
CA PRO B 430 40.92 0.71 -26.87
C PRO B 430 41.32 0.74 -25.39
N PHE B 431 40.51 0.13 -24.51
CA PHE B 431 40.76 0.08 -23.07
C PHE B 431 41.93 -0.82 -22.74
N LEU B 432 41.93 -2.03 -23.31
CA LEU B 432 42.97 -3.03 -23.12
C LEU B 432 44.29 -2.59 -23.76
N TYR B 433 44.24 -2.07 -25.00
CA TYR B 433 45.40 -1.55 -25.74
C TYR B 433 46.04 -0.34 -25.04
N ALA B 434 45.23 0.53 -24.41
CA ALA B 434 45.71 1.64 -23.59
C ALA B 434 46.46 1.06 -22.38
N LEU B 435 46.03 -0.11 -21.86
CA LEU B 435 46.77 -0.72 -20.77
C LEU B 435 48.14 -1.25 -21.24
N ALA B 436 48.24 -1.70 -22.53
CA ALA B 436 49.53 -2.16 -23.10
C ALA B 436 50.47 -0.95 -23.24
N LEU B 437 49.91 0.19 -23.68
CA LEU B 437 50.56 1.50 -23.81
C LEU B 437 51.03 1.98 -22.43
N GLU B 438 50.32 1.62 -21.34
CA GLU B 438 50.73 1.96 -19.97
C GLU B 438 52.02 1.27 -19.58
N ARG B 439 52.29 0.06 -20.11
CA ARG B 439 53.47 -0.75 -19.78
C ARG B 439 54.74 -0.33 -20.50
N GLY B 440 54.66 0.65 -21.38
CA GLY B 440 55.81 1.17 -22.11
C GLY B 440 55.73 1.03 -23.62
N MET B 441 54.68 0.40 -24.13
CA MET B 441 54.49 0.24 -25.56
C MET B 441 54.08 1.57 -26.19
N THR B 442 54.25 1.66 -27.50
CA THR B 442 53.89 2.85 -28.27
C THR B 442 52.90 2.41 -29.36
N PRO B 443 52.15 3.33 -30.02
CA PRO B 443 51.26 2.89 -31.11
C PRO B 443 51.98 2.14 -32.22
N TYR B 444 53.33 2.30 -32.30
CA TYR B 444 54.20 1.71 -33.35
C TYR B 444 54.81 0.40 -32.98
N SER B 445 54.81 0.07 -31.66
CA SER B 445 55.33 -1.18 -31.11
C SER B 445 54.78 -2.38 -31.87
N MET B 446 55.67 -3.31 -32.25
CA MET B 446 55.27 -4.52 -32.94
C MET B 446 54.56 -5.48 -31.98
N VAL B 447 53.40 -5.97 -32.41
CA VAL B 447 52.57 -6.94 -31.69
C VAL B 447 52.40 -8.19 -32.58
N ASN B 448 52.27 -9.35 -31.94
CA ASN B 448 52.18 -10.64 -32.62
C ASN B 448 50.76 -11.17 -32.89
N ASP B 449 50.36 -11.15 -34.19
CA ASP B 449 49.08 -11.65 -34.67
C ASP B 449 49.35 -13.02 -35.32
N SER B 450 49.45 -14.08 -34.48
CA SER B 450 49.72 -15.47 -34.84
C SER B 450 48.76 -16.40 -34.06
N PRO B 451 48.60 -17.71 -34.41
CA PRO B 451 47.67 -18.56 -33.63
C PRO B 451 48.06 -18.73 -32.16
N ILE B 452 47.06 -18.91 -31.24
CA ILE B 452 47.31 -19.09 -29.79
C ILE B 452 46.32 -20.05 -29.05
N THR B 453 46.72 -20.56 -27.85
CA THR B 453 45.94 -21.49 -27.01
C THR B 453 46.00 -21.17 -25.51
N ILE B 454 44.85 -21.32 -24.82
CA ILE B 454 44.68 -21.19 -23.36
C ILE B 454 43.79 -22.36 -22.90
N GLY B 455 44.43 -23.34 -22.24
CA GLY B 455 43.80 -24.57 -21.78
C GLY B 455 43.51 -25.54 -22.91
N LYS B 456 42.61 -25.11 -23.82
CA LYS B 456 42.16 -25.82 -25.03
C LYS B 456 41.59 -24.80 -26.02
N TRP B 457 41.05 -23.67 -25.51
CA TRP B 457 40.47 -22.59 -26.31
C TRP B 457 41.47 -21.86 -27.22
N THR B 458 41.09 -21.76 -28.50
CA THR B 458 41.82 -21.12 -29.59
C THR B 458 41.08 -19.83 -30.03
N PRO B 459 41.50 -18.61 -29.56
CA PRO B 459 40.84 -17.38 -30.04
C PRO B 459 41.29 -17.09 -31.47
N LYS B 460 40.37 -17.23 -32.42
CA LYS B 460 40.63 -17.04 -33.84
C LYS B 460 40.24 -15.61 -34.25
N ASN B 461 40.86 -15.12 -35.32
CA ASN B 461 40.55 -13.80 -35.85
C ASN B 461 39.30 -13.87 -36.74
N SER B 462 38.56 -12.76 -36.82
CA SER B 462 37.31 -12.59 -37.59
C SER B 462 37.35 -13.17 -39.02
N ASP B 463 38.43 -12.86 -39.76
CA ASP B 463 38.67 -13.28 -41.13
C ASP B 463 39.48 -14.58 -41.25
N GLY B 464 39.75 -15.22 -40.09
CA GLY B 464 40.55 -16.44 -40.00
C GLY B 464 41.95 -16.26 -40.58
N ARG B 465 42.47 -15.02 -40.51
CA ARG B 465 43.78 -14.60 -41.02
C ARG B 465 44.67 -14.16 -39.89
N TYR B 466 45.99 -14.25 -40.11
CA TYR B 466 47.03 -13.87 -39.14
C TYR B 466 48.03 -13.01 -39.87
N LEU B 467 48.18 -11.77 -39.39
CA LEU B 467 49.02 -10.74 -40.02
C LEU B 467 50.46 -10.69 -39.54
N GLY B 468 50.80 -11.59 -38.59
CA GLY B 468 52.13 -11.69 -38.00
C GLY B 468 52.51 -10.50 -37.15
N MET B 469 53.77 -10.08 -37.20
CA MET B 469 54.24 -8.91 -36.47
C MET B 469 53.68 -7.65 -37.14
N ILE B 470 52.81 -6.92 -36.42
CA ILE B 470 52.20 -5.67 -36.91
C ILE B 470 52.25 -4.58 -35.85
N PRO B 471 52.18 -3.27 -36.22
CA PRO B 471 52.17 -2.22 -35.17
C PRO B 471 50.90 -2.28 -34.33
N LEU B 472 51.02 -1.94 -33.03
CA LEU B 472 49.91 -1.93 -32.06
C LEU B 472 48.69 -1.19 -32.60
N ARG B 473 48.90 -0.05 -33.25
CA ARG B 473 47.84 0.75 -33.85
C ARG B 473 47.07 0.09 -35.00
N ARG B 474 47.76 -0.72 -35.80
CA ARG B 474 47.15 -1.47 -36.90
C ARG B 474 46.33 -2.66 -36.32
N ALA B 475 46.87 -3.33 -35.26
CA ALA B 475 46.23 -4.43 -34.54
C ALA B 475 44.87 -4.00 -33.99
N LEU B 476 44.83 -2.75 -33.47
CA LEU B 476 43.63 -2.15 -32.94
C LEU B 476 42.65 -1.77 -34.03
N TYR B 477 43.12 -1.10 -35.08
CA TYR B 477 42.30 -0.69 -36.20
C TYR B 477 41.60 -1.88 -36.83
N LEU B 478 42.32 -2.98 -37.05
CA LEU B 478 41.77 -4.19 -37.66
C LEU B 478 41.14 -5.17 -36.64
N SER B 479 41.07 -4.75 -35.34
CA SER B 479 40.50 -5.50 -34.21
C SER B 479 40.95 -6.98 -34.15
N ARG B 480 42.29 -7.22 -34.14
CA ARG B 480 42.88 -8.57 -34.09
C ARG B 480 42.73 -9.25 -32.72
N ASN B 481 41.82 -10.24 -32.62
CA ASN B 481 41.52 -10.98 -31.40
C ASN B 481 42.69 -11.74 -30.76
N THR B 482 43.66 -12.24 -31.56
CA THR B 482 44.83 -12.93 -31.01
C THR B 482 45.78 -11.94 -30.36
N VAL B 483 45.84 -10.70 -30.89
CA VAL B 483 46.71 -9.66 -30.32
C VAL B 483 46.13 -9.28 -28.97
N SER B 484 44.78 -9.13 -28.89
CA SER B 484 44.07 -8.73 -27.69
C SER B 484 44.33 -9.69 -26.53
N VAL B 485 44.17 -11.00 -26.80
CA VAL B 485 44.42 -12.08 -25.85
C VAL B 485 45.91 -12.07 -25.46
N ARG B 486 46.81 -11.87 -26.43
CA ARG B 486 48.21 -11.77 -26.10
C ARG B 486 48.51 -10.56 -25.21
N LEU B 487 47.84 -9.40 -25.44
CA LEU B 487 48.03 -8.18 -24.64
C LEU B 487 47.48 -8.39 -23.25
N LEU B 488 46.35 -9.11 -23.13
CA LEU B 488 45.73 -9.44 -21.85
C LEU B 488 46.72 -10.25 -21.01
N GLN B 489 47.46 -11.19 -21.62
CA GLN B 489 48.47 -12.01 -20.94
C GLN B 489 49.63 -11.15 -20.47
N THR B 490 50.05 -10.19 -21.31
CA THR B 490 51.13 -9.23 -21.02
C THR B 490 50.74 -8.32 -19.86
N VAL B 491 49.54 -7.76 -19.92
CA VAL B 491 49.01 -6.82 -18.94
C VAL B 491 48.29 -7.45 -17.72
N GLY B 492 48.06 -8.78 -17.74
CA GLY B 492 47.37 -9.48 -16.66
C GLY B 492 45.87 -9.20 -16.61
N ILE B 493 45.02 -10.28 -16.40
CA ILE B 493 43.55 -10.21 -16.29
C ILE B 493 43.10 -9.19 -15.22
N GLU B 494 43.64 -9.30 -13.99
CA GLU B 494 43.26 -8.45 -12.87
C GLU B 494 43.56 -6.98 -13.07
N ARG B 495 44.72 -6.66 -13.63
CA ARG B 495 45.08 -5.27 -13.93
C ARG B 495 44.09 -4.66 -14.95
N THR B 496 43.54 -5.51 -15.86
CA THR B 496 42.54 -5.15 -16.85
C THR B 496 41.18 -5.00 -16.18
N ARG B 497 40.77 -5.99 -15.35
CA ARG B 497 39.51 -6.00 -14.59
C ARG B 497 39.40 -4.77 -13.73
N GLN B 498 40.49 -4.39 -13.03
CA GLN B 498 40.56 -3.17 -12.22
C GLN B 498 40.44 -1.97 -13.11
N LEU B 499 41.04 -2.05 -14.31
CA LEU B 499 40.94 -0.95 -15.26
C LEU B 499 39.53 -0.82 -15.79
N PHE B 500 38.90 -1.96 -16.22
CA PHE B 500 37.49 -1.98 -16.65
C PHE B 500 36.61 -1.40 -15.56
N MET B 501 36.84 -1.78 -14.29
CA MET B 501 36.12 -1.22 -13.14
C MET B 501 36.37 0.27 -12.99
N ASP B 502 37.65 0.73 -13.14
CA ASP B 502 37.98 2.16 -13.08
C ASP B 502 37.21 2.88 -14.17
N PHE B 503 37.17 2.27 -15.41
CA PHE B 503 36.45 2.79 -16.59
C PHE B 503 34.93 2.93 -16.36
N GLY B 504 34.40 2.32 -15.29
CA GLY B 504 32.98 2.39 -14.93
C GLY B 504 32.29 1.05 -14.74
N LEU B 505 32.81 -0.02 -15.39
CA LEU B 505 32.29 -1.40 -15.45
C LEU B 505 32.05 -2.10 -14.12
N GLN B 506 31.01 -2.93 -14.08
CA GLN B 506 30.52 -3.66 -12.90
C GLN B 506 31.35 -4.93 -12.62
N GLU B 507 31.94 -5.05 -11.40
CA GLU B 507 32.75 -6.20 -10.98
C GLU B 507 32.14 -7.57 -11.34
N ASP B 508 30.85 -7.74 -11.02
CA ASP B 508 30.06 -8.96 -11.25
C ASP B 508 29.89 -9.25 -12.72
N GLN B 509 29.87 -8.19 -13.58
CA GLN B 509 29.69 -8.38 -15.02
C GLN B 509 30.99 -8.61 -15.79
N ILE B 510 32.15 -8.56 -15.08
CA ILE B 510 33.47 -8.80 -15.68
C ILE B 510 34.03 -10.18 -15.28
N PRO B 511 33.99 -11.16 -16.21
CA PRO B 511 34.57 -12.48 -15.91
C PRO B 511 36.06 -12.48 -15.56
N ARG B 512 36.51 -13.53 -14.84
CA ARG B 512 37.92 -13.71 -14.46
C ARG B 512 38.59 -14.69 -15.45
N ASN B 513 38.40 -14.43 -16.76
CA ASN B 513 38.95 -15.22 -17.86
C ASN B 513 39.48 -14.34 -19.01
N TYR B 514 40.09 -14.99 -20.02
CA TYR B 514 40.68 -14.36 -21.20
C TYR B 514 39.71 -13.87 -22.26
N THR B 515 38.42 -14.26 -22.19
CA THR B 515 37.43 -13.79 -23.19
C THR B 515 37.07 -12.31 -23.02
N ILE B 516 37.43 -11.69 -21.89
CA ILE B 516 37.17 -10.27 -21.63
C ILE B 516 37.88 -9.33 -22.62
N ALA B 517 39.02 -9.80 -23.19
CA ALA B 517 39.84 -9.15 -24.22
C ALA B 517 39.03 -9.01 -25.51
N LEU B 518 37.95 -9.79 -25.58
CA LEU B 518 37.06 -9.90 -26.72
C LEU B 518 35.84 -9.01 -26.67
N GLY B 519 35.48 -8.51 -25.49
CA GLY B 519 34.31 -7.68 -25.33
C GLY B 519 33.11 -8.54 -24.98
N THR B 520 33.34 -9.56 -24.12
CA THR B 520 32.34 -10.49 -23.60
C THR B 520 31.61 -9.96 -22.39
N PRO B 521 32.25 -9.19 -21.46
CA PRO B 521 31.48 -8.57 -20.36
C PRO B 521 30.25 -7.81 -20.86
N GLN B 522 29.13 -7.93 -20.15
CA GLN B 522 27.90 -7.20 -20.46
C GLN B 522 28.12 -5.80 -19.91
N VAL B 523 27.83 -4.77 -20.72
CA VAL B 523 28.02 -3.36 -20.33
C VAL B 523 26.80 -2.53 -20.62
N LEU B 524 26.77 -1.31 -20.03
CA LEU B 524 25.74 -0.35 -20.33
C LEU B 524 26.37 0.70 -21.23
N PRO B 525 25.66 1.23 -22.25
CA PRO B 525 26.25 2.31 -23.08
C PRO B 525 26.80 3.51 -22.28
N ILE B 526 26.14 3.87 -21.15
CA ILE B 526 26.60 4.95 -20.28
C ILE B 526 28.01 4.68 -19.70
N GLN B 527 28.31 3.38 -19.42
CA GLN B 527 29.61 2.93 -18.90
C GLN B 527 30.69 3.04 -19.96
N MET B 528 30.30 2.75 -21.25
CA MET B 528 31.21 2.89 -22.39
C MET B 528 31.56 4.37 -22.63
N ALA B 529 30.56 5.27 -22.49
CA ALA B 529 30.72 6.72 -22.63
C ALA B 529 31.71 7.21 -21.58
N THR B 530 31.58 6.74 -20.33
CA THR B 530 32.46 7.06 -19.23
C THR B 530 33.88 6.63 -19.55
N GLY B 531 34.03 5.46 -20.19
CA GLY B 531 35.31 4.90 -20.54
C GLY B 531 35.99 5.70 -21.63
N TYR B 532 35.25 6.02 -22.71
CA TYR B 532 35.78 6.83 -23.80
C TYR B 532 36.14 8.25 -23.40
N ALA B 533 35.52 8.76 -22.33
CA ALA B 533 35.83 10.09 -21.79
C ALA B 533 37.28 10.16 -21.26
N THR B 534 37.83 9.04 -20.77
CA THR B 534 39.21 8.91 -20.28
C THR B 534 40.22 9.31 -21.37
N PHE B 535 39.91 8.96 -22.63
CA PHE B 535 40.72 9.31 -23.80
C PHE B 535 40.56 10.81 -24.12
N ALA B 536 39.32 11.34 -24.17
CA ALA B 536 39.02 12.74 -24.49
C ALA B 536 39.55 13.73 -23.45
N ASN B 537 39.66 13.28 -22.19
CA ASN B 537 40.08 14.13 -21.10
C ASN B 537 41.53 14.03 -20.67
N GLY B 538 42.26 13.06 -21.20
CA GLY B 538 43.67 12.90 -20.85
C GLY B 538 44.02 11.92 -19.76
N GLY B 539 43.13 10.95 -19.50
CA GLY B 539 43.36 9.87 -18.54
C GLY B 539 42.65 9.89 -17.20
N TYR B 540 41.54 10.63 -17.11
CA TYR B 540 40.80 10.81 -15.87
C TYR B 540 39.49 10.08 -15.76
N ARG B 541 39.09 9.69 -14.53
CA ARG B 541 37.80 9.08 -14.29
C ARG B 541 36.76 10.14 -13.90
N VAL B 542 35.75 10.28 -14.75
CA VAL B 542 34.64 11.20 -14.53
C VAL B 542 33.40 10.38 -14.22
N GLN B 543 32.46 10.97 -13.48
CA GLN B 543 31.21 10.29 -13.12
C GLN B 543 30.09 10.88 -13.91
N PRO B 544 29.35 10.08 -14.66
CA PRO B 544 28.19 10.65 -15.39
C PRO B 544 27.14 11.19 -14.41
N HIS B 545 26.62 12.37 -14.69
CA HIS B 545 25.62 13.01 -13.85
C HIS B 545 24.62 13.80 -14.65
N PHE B 546 23.33 13.78 -14.21
CA PHE B 546 22.28 14.53 -14.90
C PHE B 546 21.71 15.73 -14.13
N ILE B 547 22.03 15.88 -12.83
CA ILE B 547 21.52 17.00 -12.04
C ILE B 547 22.59 18.10 -11.86
N GLN B 548 22.24 19.34 -12.26
CA GLN B 548 23.09 20.51 -12.13
C GLN B 548 22.76 21.13 -10.75
N ARG B 549 21.47 21.32 -10.49
CA ARG B 549 21.01 21.86 -9.23
C ARG B 549 19.55 21.47 -8.95
N ILE B 550 19.15 21.54 -7.67
CA ILE B 550 17.78 21.28 -7.23
C ILE B 550 17.41 22.47 -6.36
N GLU B 551 16.21 23.02 -6.61
CA GLU B 551 15.62 24.10 -5.83
C GLU B 551 14.36 23.56 -5.15
N ASP B 552 14.02 24.08 -3.97
CA ASP B 552 12.77 23.70 -3.33
C ASP B 552 11.63 24.50 -3.99
N ALA B 553 10.38 24.22 -3.60
CA ALA B 553 9.22 24.94 -4.13
C ALA B 553 9.29 26.46 -3.84
N TYR B 554 9.92 26.83 -2.70
CA TYR B 554 10.08 28.21 -2.22
C TYR B 554 11.24 29.00 -2.85
N GLY B 555 12.00 28.38 -3.76
CA GLY B 555 13.10 29.05 -4.46
C GLY B 555 14.51 28.84 -3.96
N LYS B 556 14.68 28.18 -2.81
CA LYS B 556 15.99 27.91 -2.22
C LYS B 556 16.76 26.80 -2.97
N VAL B 557 18.06 27.04 -3.23
CA VAL B 557 18.94 26.04 -3.83
C VAL B 557 19.33 25.09 -2.71
N ILE B 558 18.90 23.84 -2.83
CA ILE B 558 19.12 22.79 -1.84
C ILE B 558 20.19 21.80 -2.26
N TYR B 559 20.54 21.80 -3.56
CA TYR B 559 21.59 20.93 -4.10
C TYR B 559 22.24 21.61 -5.26
N GLU B 560 23.57 21.64 -5.27
CA GLU B 560 24.37 22.15 -6.38
C GLU B 560 25.37 21.03 -6.71
N ALA B 561 25.48 20.66 -7.99
CA ALA B 561 26.41 19.61 -8.41
C ALA B 561 27.86 20.08 -8.14
N LYS B 562 28.66 19.19 -7.55
CA LYS B 562 30.09 19.44 -7.26
C LYS B 562 30.81 18.26 -7.90
N PRO B 563 30.89 18.23 -9.26
CA PRO B 563 31.47 17.04 -9.90
C PRO B 563 32.99 17.01 -9.92
N GLU B 564 33.53 15.82 -10.17
CA GLU B 564 34.97 15.59 -10.32
C GLU B 564 35.36 16.05 -11.73
N TYR B 565 36.21 17.07 -11.82
CA TYR B 565 36.69 17.62 -13.09
C TYR B 565 38.00 17.00 -13.52
N ALA B 566 38.09 16.65 -14.81
CA ALA B 566 39.32 16.09 -15.35
C ALA B 566 40.35 17.23 -15.40
N CYS B 567 39.96 18.35 -16.00
CA CYS B 567 40.76 19.53 -16.17
C CYS B 567 40.04 20.76 -15.60
N ILE B 568 40.51 21.25 -14.45
CA ILE B 568 39.98 22.45 -13.78
C ILE B 568 40.26 23.73 -14.60
N PRO B 569 41.47 24.03 -15.12
CA PRO B 569 41.62 25.25 -15.95
C PRO B 569 40.71 25.29 -17.19
N CYS B 570 40.34 24.09 -17.70
CA CYS B 570 39.49 23.87 -18.87
C CYS B 570 38.04 24.38 -18.70
N ILE B 571 37.52 24.47 -17.45
CA ILE B 571 36.15 24.93 -17.18
C ILE B 571 36.00 26.38 -17.64
N ASN B 572 36.95 27.23 -17.21
CA ASN B 572 37.05 28.67 -17.42
C ASN B 572 37.70 29.04 -18.78
N ALA B 573 37.24 28.35 -19.86
CA ALA B 573 37.66 28.47 -21.27
C ALA B 573 37.91 29.90 -21.73
N GLN B 618 37.63 24.41 -9.93
CA GLN B 618 36.41 24.03 -9.26
C GLN B 618 36.65 22.83 -8.37
N TYR B 619 36.89 23.14 -7.08
CA TYR B 619 37.17 22.21 -5.99
C TYR B 619 37.61 20.78 -6.39
N ARG B 620 36.64 19.85 -6.67
CA ARG B 620 36.94 18.45 -7.00
C ARG B 620 37.74 18.14 -8.31
N GLN B 621 38.93 17.57 -8.14
CA GLN B 621 39.78 17.10 -9.23
C GLN B 621 39.52 15.58 -9.37
N ALA B 622 39.28 15.15 -10.61
CA ALA B 622 39.01 13.73 -10.88
C ALA B 622 40.30 12.91 -10.71
N GLN B 623 40.15 11.61 -10.34
CA GLN B 623 41.25 10.66 -10.21
C GLN B 623 41.77 10.20 -11.61
N ARG B 624 43.09 10.21 -11.77
CA ARG B 624 43.76 9.74 -12.97
C ARG B 624 43.76 8.23 -12.97
N ILE B 625 43.16 7.62 -13.99
CA ILE B 625 43.09 6.14 -14.15
C ILE B 625 44.01 5.57 -15.23
N LEU B 626 44.67 6.47 -15.99
CA LEU B 626 45.49 6.14 -17.14
C LEU B 626 46.54 7.17 -17.27
N LYS B 627 47.75 6.81 -17.72
CA LYS B 627 48.81 7.78 -17.96
C LYS B 627 48.37 8.73 -19.07
N SER B 628 48.66 10.02 -18.88
CA SER B 628 48.36 11.09 -19.81
C SER B 628 48.84 10.74 -21.22
N SER B 629 50.09 10.27 -21.34
CA SER B 629 50.66 9.86 -22.60
C SER B 629 49.93 8.68 -23.24
N SER B 630 49.43 7.71 -22.43
CA SER B 630 48.69 6.55 -22.97
C SER B 630 47.30 6.97 -23.51
N ALA B 631 46.61 7.85 -22.76
CA ALA B 631 45.29 8.36 -23.13
C ALA B 631 45.40 9.21 -24.40
N TYR B 632 46.43 10.05 -24.48
CA TYR B 632 46.71 10.90 -25.64
C TYR B 632 47.04 10.05 -26.90
N ASP B 633 47.90 9.02 -26.74
CA ASP B 633 48.23 8.08 -27.79
C ASP B 633 47.02 7.34 -28.29
N MET B 634 46.17 6.84 -27.37
CA MET B 634 44.97 6.13 -27.75
C MET B 634 43.98 7.07 -28.45
N ALA B 635 43.87 8.32 -28.00
CA ALA B 635 43.01 9.30 -28.64
C ALA B 635 43.41 9.51 -30.12
N ASN B 636 44.73 9.64 -30.36
CA ASN B 636 45.27 9.84 -31.71
C ASN B 636 45.16 8.58 -32.55
N ILE B 637 45.21 7.37 -31.94
CA ILE B 637 45.01 6.14 -32.71
C ILE B 637 43.55 6.20 -33.19
N LEU B 638 42.63 6.47 -32.27
CA LEU B 638 41.20 6.60 -32.53
C LEU B 638 40.88 7.67 -33.58
N ARG B 639 41.66 8.76 -33.65
CA ARG B 639 41.46 9.83 -34.64
C ARG B 639 41.90 9.34 -36.02
N ASP B 640 42.99 8.55 -36.06
CA ASP B 640 43.53 7.94 -37.28
C ASP B 640 42.55 6.87 -37.79
N VAL B 641 41.97 6.08 -36.87
CA VAL B 641 40.96 5.07 -37.15
C VAL B 641 39.76 5.78 -37.84
N ILE B 642 39.24 6.89 -37.24
CA ILE B 642 38.12 7.64 -37.82
C ILE B 642 38.49 8.41 -39.12
N GLU B 643 39.80 8.56 -39.42
CA GLU B 643 40.29 9.20 -40.65
C GLU B 643 40.88 8.17 -41.66
N HIS B 644 40.34 6.93 -41.65
CA HIS B 644 40.71 5.79 -42.49
C HIS B 644 39.57 4.72 -42.42
N GLY B 645 38.32 5.19 -42.28
CA GLY B 645 37.11 4.37 -42.18
C GLY B 645 35.85 5.16 -41.92
N ILE B 653 31.15 14.69 -41.96
CA ILE B 653 31.48 15.79 -41.04
C ILE B 653 32.80 16.45 -41.50
N GLY B 654 32.87 17.78 -41.38
CA GLY B 654 34.06 18.56 -41.69
C GLY B 654 34.77 18.92 -40.41
N ARG B 655 35.30 17.89 -39.72
CA ARG B 655 35.99 18.07 -38.44
C ARG B 655 37.24 17.23 -38.36
N SER B 656 38.29 17.74 -37.71
CA SER B 656 39.59 17.07 -37.54
C SER B 656 39.93 16.79 -36.04
N ASP B 657 38.97 17.04 -35.16
CA ASP B 657 39.09 16.89 -33.71
C ASP B 657 38.29 15.69 -33.20
N LEU B 658 37.99 14.70 -34.08
CA LEU B 658 37.18 13.52 -33.75
C LEU B 658 37.93 12.20 -33.83
N GLY B 659 37.64 11.34 -32.87
CA GLY B 659 38.21 10.00 -32.75
C GLY B 659 37.10 9.02 -32.39
N GLY B 660 37.26 7.76 -32.76
CA GLY B 660 36.24 6.79 -32.45
C GLY B 660 36.50 5.35 -32.84
N LYS B 661 35.69 4.44 -32.30
CA LYS B 661 35.85 3.02 -32.55
C LYS B 661 34.48 2.35 -32.79
N THR B 662 34.46 1.46 -33.80
CA THR B 662 33.29 0.66 -34.16
C THR B 662 33.39 -0.63 -33.37
N GLY B 663 32.24 -1.23 -33.15
CA GLY B 663 32.12 -2.51 -32.50
C GLY B 663 30.98 -3.30 -33.09
N THR B 664 31.16 -4.61 -33.16
CA THR B 664 30.17 -5.54 -33.68
C THR B 664 30.33 -6.83 -32.94
N THR B 665 29.26 -7.46 -32.52
CA THR B 665 29.38 -8.70 -31.80
C THR B 665 29.10 -9.89 -32.65
N ASN B 666 29.24 -11.06 -32.07
CA ASN B 666 29.04 -12.34 -32.75
C ASN B 666 27.72 -12.35 -33.48
N ASP B 667 27.76 -12.68 -34.77
CA ASP B 667 26.57 -12.75 -35.63
C ASP B 667 25.85 -11.40 -35.77
N ALA B 668 26.61 -10.29 -35.67
CA ALA B 668 26.14 -8.91 -35.73
C ALA B 668 24.87 -8.71 -34.86
N LYS B 669 24.93 -9.20 -33.61
CA LYS B 669 23.79 -9.08 -32.66
C LYS B 669 23.75 -7.70 -32.06
N ASP B 670 24.86 -6.94 -32.22
CA ASP B 670 25.03 -5.56 -31.72
C ASP B 670 25.91 -4.81 -32.67
N ALA B 671 25.54 -3.55 -32.90
CA ALA B 671 26.30 -2.59 -33.71
C ALA B 671 26.59 -1.37 -32.80
N TRP B 672 27.88 -1.02 -32.61
CA TRP B 672 28.33 0.10 -31.77
C TRP B 672 29.23 1.10 -32.48
N PHE B 673 29.16 2.31 -32.00
CA PHE B 673 30.10 3.36 -32.30
C PHE B 673 30.32 4.22 -31.08
N ALA B 674 31.55 4.23 -30.57
CA ALA B 674 31.97 5.07 -29.42
C ALA B 674 32.99 6.06 -29.95
N GLY B 675 32.68 7.34 -29.88
CA GLY B 675 33.53 8.38 -30.41
C GLY B 675 33.43 9.66 -29.63
N PHE B 676 34.36 10.60 -29.88
CA PHE B 676 34.43 11.84 -29.12
C PHE B 676 35.25 12.95 -29.80
N ASN B 677 35.15 14.13 -29.22
CA ASN B 677 36.02 15.29 -29.41
C ASN B 677 36.35 15.68 -27.94
N GLY B 678 37.15 16.72 -27.74
CA GLY B 678 37.53 17.17 -26.40
C GLY B 678 36.39 17.67 -25.54
N LYS B 679 35.22 17.98 -26.16
CA LYS B 679 34.04 18.54 -25.47
C LYS B 679 32.83 17.60 -25.41
N LEU B 680 32.86 16.47 -26.13
CA LEU B 680 31.68 15.63 -26.19
C LEU B 680 31.99 14.22 -26.56
N VAL B 681 31.45 13.25 -25.78
CA VAL B 681 31.58 11.80 -25.99
C VAL B 681 30.21 11.27 -26.34
N THR B 682 30.08 10.57 -27.49
CA THR B 682 28.83 9.96 -27.90
C THR B 682 29.00 8.48 -28.16
N VAL B 683 28.11 7.67 -27.60
CA VAL B 683 28.06 6.23 -27.80
C VAL B 683 26.70 5.93 -28.38
N THR B 684 26.68 5.24 -29.54
CA THR B 684 25.47 4.78 -30.22
C THR B 684 25.48 3.30 -30.29
N TRP B 685 24.28 2.71 -30.22
CA TRP B 685 24.08 1.27 -30.29
C TRP B 685 22.84 0.99 -31.13
N VAL B 686 22.87 -0.11 -31.86
CA VAL B 686 21.77 -0.65 -32.66
C VAL B 686 21.76 -2.15 -32.44
N GLY B 687 20.58 -2.70 -32.27
CA GLY B 687 20.32 -4.13 -32.10
C GLY B 687 18.88 -4.43 -31.75
N PHE B 688 18.51 -5.72 -31.74
CA PHE B 688 17.17 -6.15 -31.36
C PHE B 688 17.21 -6.44 -29.87
N ASP B 689 16.12 -6.11 -29.14
CA ASP B 689 16.02 -6.38 -27.71
C ASP B 689 16.25 -7.86 -27.37
N GLN B 690 15.68 -8.80 -28.19
CA GLN B 690 15.93 -10.25 -28.13
C GLN B 690 17.06 -10.48 -29.12
N PRO B 691 18.34 -10.66 -28.64
CA PRO B 691 19.49 -10.71 -29.57
C PRO B 691 19.30 -11.68 -30.74
N THR B 692 19.30 -11.08 -31.94
CA THR B 692 19.12 -11.71 -33.25
C THR B 692 20.06 -10.94 -34.14
N THR B 693 20.56 -11.59 -35.19
CA THR B 693 21.44 -10.96 -36.16
C THR B 693 20.77 -9.74 -36.80
N LEU B 694 21.54 -8.70 -37.01
CA LEU B 694 21.13 -7.48 -37.70
C LEU B 694 21.31 -7.71 -39.18
N GLY B 695 22.13 -8.71 -39.53
CA GLY B 695 22.48 -9.06 -40.89
C GLY B 695 23.98 -9.08 -41.13
N ARG B 696 24.43 -9.98 -42.03
CA ARG B 696 25.82 -10.22 -42.47
C ARG B 696 26.59 -8.92 -42.74
N ARG B 697 25.92 -7.93 -43.32
CA ARG B 697 26.52 -6.68 -43.74
C ARG B 697 26.46 -5.57 -42.71
N GLU B 698 25.72 -5.76 -41.59
CA GLU B 698 25.43 -4.73 -40.58
C GLU B 698 26.47 -4.48 -39.47
N TYR B 699 27.71 -4.27 -39.85
CA TYR B 699 28.75 -4.02 -38.85
C TYR B 699 28.54 -2.66 -38.08
N GLY B 700 29.14 -2.52 -36.89
CA GLY B 700 29.01 -1.30 -36.09
C GLY B 700 29.15 -0.05 -36.94
N GLY B 701 30.14 -0.13 -37.86
CA GLY B 701 30.45 0.90 -38.83
C GLY B 701 29.38 1.20 -39.86
N ILE B 702 28.36 0.29 -40.00
CA ILE B 702 27.28 0.41 -40.97
C ILE B 702 25.99 0.90 -40.32
N ALA B 703 25.60 0.31 -39.18
CA ALA B 703 24.34 0.66 -38.53
C ALA B 703 24.40 1.74 -37.43
N ALA B 704 25.41 1.72 -36.54
CA ALA B 704 25.51 2.67 -35.41
C ALA B 704 26.21 3.96 -35.80
N LEU B 705 27.30 3.86 -36.61
CA LEU B 705 28.10 4.99 -37.12
C LEU B 705 27.28 6.13 -37.78
N PRO B 706 26.31 5.86 -38.69
CA PRO B 706 25.50 6.98 -39.24
C PRO B 706 24.75 7.82 -38.19
N ILE B 707 24.23 7.18 -37.11
CA ILE B 707 23.55 7.88 -36.00
C ILE B 707 24.54 8.86 -35.31
N TRP B 708 25.73 8.34 -34.97
CA TRP B 708 26.83 9.05 -34.34
C TRP B 708 27.22 10.29 -35.18
N ILE B 709 27.50 10.09 -36.49
CA ILE B 709 27.86 11.13 -37.46
C ILE B 709 26.81 12.23 -37.49
N ASN B 710 25.55 11.86 -37.68
CA ASN B 710 24.42 12.78 -37.74
C ASN B 710 24.36 13.63 -36.46
N PHE B 711 24.41 12.98 -35.28
CA PHE B 711 24.35 13.70 -34.01
C PHE B 711 25.57 14.62 -33.86
N MET B 712 26.79 14.05 -33.94
CA MET B 712 28.06 14.77 -33.77
C MET B 712 28.20 15.98 -34.70
N GLY B 713 27.94 15.76 -35.99
CA GLY B 713 27.99 16.80 -37.01
C GLY B 713 27.12 17.97 -36.63
N GLN B 714 25.89 17.70 -36.20
CA GLN B 714 24.95 18.75 -35.82
C GLN B 714 25.19 19.36 -34.45
N ALA B 715 25.47 18.53 -33.43
CA ALA B 715 25.76 18.96 -32.05
C ALA B 715 27.03 19.83 -32.00
N LEU B 716 28.04 19.54 -32.82
CA LEU B 716 29.30 20.28 -32.86
C LEU B 716 29.37 21.39 -33.92
N GLN B 717 28.34 21.52 -34.77
CA GLN B 717 28.22 22.56 -35.81
C GLN B 717 28.39 23.94 -35.16
N GLY B 718 29.37 24.70 -35.65
CA GLY B 718 29.67 26.03 -35.13
C GLY B 718 30.46 26.10 -33.83
N THR B 719 31.25 25.07 -33.53
CA THR B 719 32.13 25.05 -32.35
C THR B 719 33.57 24.86 -32.86
N PRO B 720 34.57 25.54 -32.26
CA PRO B 720 35.96 25.35 -32.72
C PRO B 720 36.50 23.95 -32.48
N ALA B 721 37.62 23.60 -33.13
CA ALA B 721 38.31 22.33 -32.95
C ALA B 721 38.67 22.18 -31.48
N ALA B 722 38.33 21.02 -30.89
CA ALA B 722 38.59 20.76 -29.48
C ALA B 722 39.18 19.37 -29.33
N TRP B 723 40.52 19.24 -29.23
CA TRP B 723 41.13 17.92 -29.05
C TRP B 723 41.43 17.68 -27.55
N VAL B 724 42.13 16.61 -27.19
CA VAL B 724 42.45 16.26 -25.80
C VAL B 724 43.32 17.28 -25.02
#